data_6RFU
#
_entry.id   6RFU
#
_cell.length_a   209.000
_cell.length_b   209.000
_cell.length_c   92.000
_cell.angle_alpha   90.000
_cell.angle_beta   90.000
_cell.angle_gamma   90.000
#
_symmetry.space_group_name_H-M   'P 4 21 2'
#
loop_
_entity.id
_entity.type
_entity.pdbx_description
1 polymer "Inosine-5'-monophosphate dehydrogenase"
2 non-polymer "ADENOSINE-5'-TRIPHOSPHATE"
3 non-polymer "GUANOSINE-5'-MONOPHOSPHATE"
4 water water
#
_entity_poly.entity_id   1
_entity_poly.type   'polypeptide(L)'
_entity_poly.pdbx_seq_one_letter_code
;MENTNLRTKTLRDGTTAEELFSQDGLSFNDFIILPGFIDFDSSKVNVSGQFTKNILLHLPLVSSPMDTVTESSMARAMAL
MGGIGVIHNNCTVEQQARMVRSVKLYRNGFIMKPKSVSPDVPVSTIRNIKSEKGISGILVTEGGKYDGKLLGIVCTKDID
FVKDASAPVSQYMTRRENMTVERYPIKLEEAMDVLNRSRHGYLPVLNDKDEVVCLCSRRDAVRARDYPNSSLDRNGHLLC
AAATSTREADKGRVAALSEAGIDVLVLDSSQGNTIYQVSFIRWVKKTYPHLEVVAGNVVTQDQAKNLIDAGADSLRIGMG
SGSICITQEVLACGRPQATAIYKVARYAASRGVPCVADGGLRNVGDVCKALAVGANVAMLGSMIAGTSETPGEYFFKDGM
RLKGYRGMGSIDAMLQGRESGKRYLSENETLQVAQGVAGAVLDKGSVLKLLAYIHKGLQQSAQDIGEVSFDAIREKVYEG
QVLFNRRTLTAQSEGAVHSLHHYERKLFASKL
;
_entity_poly.pdbx_strand_id   A,B
#
loop_
_chem_comp.id
_chem_comp.type
_chem_comp.name
_chem_comp.formula
5GP non-polymer GUANOSINE-5'-MONOPHOSPHATE 'C10 H14 N5 O8 P'
ATP non-polymer ADENOSINE-5'-TRIPHOSPHATE 'C10 H16 N5 O13 P3'
#
# COMPACT_ATOMS: atom_id res chain seq x y z
N ASN A 3 0.72 14.70 42.87
CA ASN A 3 -0.43 13.83 43.10
C ASN A 3 -0.09 12.52 43.78
N THR A 4 0.97 12.55 44.58
CA THR A 4 1.49 11.35 45.21
C THR A 4 0.49 10.70 46.17
N ASN A 5 -0.23 11.51 46.94
CA ASN A 5 -1.15 10.98 47.93
C ASN A 5 -2.29 10.19 47.30
N LEU A 6 -2.54 10.45 46.01
CA LEU A 6 -3.58 9.74 45.28
C LEU A 6 -3.04 8.51 44.54
N ARG A 7 -1.82 8.60 44.01
CA ARG A 7 -1.28 7.53 43.21
C ARG A 7 -0.78 6.34 44.05
N THR A 8 -0.14 6.63 45.18
CA THR A 8 0.44 5.58 46.01
C THR A 8 -0.66 4.84 46.78
N LYS A 9 -0.59 3.52 46.73
CA LYS A 9 -1.60 2.66 47.34
C LYS A 9 -1.19 2.27 48.75
N THR A 10 -2.10 2.42 49.70
CA THR A 10 -1.85 1.98 51.06
C THR A 10 -2.70 0.75 51.38
N LEU A 11 -3.96 0.77 50.93
CA LEU A 11 -4.82 -0.39 51.07
C LEU A 11 -4.22 -1.58 50.33
N ARG A 12 -3.65 -1.30 49.16
CA ARG A 12 -2.96 -2.32 48.36
C ARG A 12 -3.85 -3.53 48.14
N ASP A 13 -5.01 -3.30 47.54
CA ASP A 13 -5.96 -4.36 47.24
C ASP A 13 -5.57 -5.06 45.94
N GLY A 14 -4.92 -6.20 46.07
CA GLY A 14 -4.46 -6.95 44.93
C GLY A 14 -3.26 -7.80 45.27
N THR A 15 -2.87 -8.63 44.31
CA THR A 15 -1.77 -9.55 44.49
C THR A 15 -0.49 -9.00 43.88
N THR A 16 0.60 -9.05 44.63
CA THR A 16 1.92 -8.68 44.12
C THR A 16 2.37 -9.72 43.10
N ALA A 17 3.31 -9.32 42.24
CA ALA A 17 3.84 -10.25 41.25
C ALA A 17 4.58 -11.40 41.91
N GLU A 18 5.32 -11.10 42.98
CA GLU A 18 6.12 -12.12 43.64
C GLU A 18 5.20 -13.22 44.11
N GLU A 19 4.05 -12.82 44.63
CA GLU A 19 3.09 -13.78 45.13
C GLU A 19 2.40 -14.49 43.97
N LEU A 20 2.09 -13.75 42.91
CA LEU A 20 1.35 -14.28 41.77
C LEU A 20 2.09 -15.42 41.06
N PHE A 21 3.41 -15.32 41.00
CA PHE A 21 4.24 -16.31 40.29
C PHE A 21 4.93 -17.30 41.22
N SER A 22 4.48 -17.36 42.46
CA SER A 22 5.09 -18.23 43.46
C SER A 22 4.59 -19.66 43.37
N GLN A 23 3.64 -19.91 42.47
CA GLN A 23 3.07 -21.23 42.37
C GLN A 23 3.28 -21.86 41.00
N ASP A 24 2.23 -22.43 40.42
CA ASP A 24 2.37 -23.08 39.11
C ASP A 24 2.68 -22.06 38.03
N GLY A 25 3.02 -22.57 36.85
CA GLY A 25 3.45 -21.73 35.75
C GLY A 25 2.28 -21.07 35.05
N LEU A 26 2.31 -19.74 34.97
CA LEU A 26 1.19 -19.00 34.41
C LEU A 26 1.39 -18.61 32.95
N SER A 27 0.28 -18.65 32.21
CA SER A 27 0.19 -18.03 30.90
C SER A 27 -0.19 -16.57 31.11
N PHE A 28 -0.23 -15.79 30.05
CA PHE A 28 -0.63 -14.40 30.18
C PHE A 28 -2.11 -14.28 30.48
N ASN A 29 -2.89 -15.25 30.00
CA ASN A 29 -4.34 -15.23 30.20
C ASN A 29 -4.74 -15.55 31.64
N ASP A 30 -3.80 -16.02 32.44
CA ASP A 30 -4.09 -16.47 33.80
C ASP A 30 -4.28 -15.32 34.79
N PHE A 31 -3.84 -14.13 34.41
CA PHE A 31 -3.93 -12.99 35.32
C PHE A 31 -4.25 -11.72 34.57
N ILE A 32 -4.54 -10.68 35.34
CA ILE A 32 -4.77 -9.36 34.77
C ILE A 32 -4.07 -8.36 35.66
N ILE A 33 -3.85 -7.15 35.15
CA ILE A 33 -3.19 -6.11 35.92
C ILE A 33 -4.25 -5.13 36.40
N LEU A 34 -4.34 -4.94 37.71
CA LEU A 34 -5.35 -4.07 38.28
C LEU A 34 -5.02 -2.63 37.93
N PRO A 35 -6.06 -1.80 37.77
CA PRO A 35 -5.90 -0.40 37.38
C PRO A 35 -5.33 0.47 38.50
N GLY A 36 -4.78 1.62 38.15
CA GLY A 36 -4.21 2.53 39.12
C GLY A 36 -4.91 3.87 39.16
N PHE A 37 -4.12 4.94 39.13
CA PHE A 37 -4.63 6.31 39.16
C PHE A 37 -4.15 7.10 37.95
N ILE A 38 -5.04 7.88 37.35
CA ILE A 38 -4.74 8.59 36.10
C ILE A 38 -4.75 10.12 36.27
N ASP A 39 -3.64 10.75 35.91
CA ASP A 39 -3.57 12.21 35.89
C ASP A 39 -2.72 12.66 34.71
N PHE A 40 -2.89 11.97 33.60
CA PHE A 40 -2.13 12.29 32.40
C PHE A 40 -2.81 11.70 31.18
N ASP A 41 -2.58 12.32 30.03
CA ASP A 41 -3.12 11.81 28.78
C ASP A 41 -2.24 10.65 28.33
N SER A 42 -2.82 9.69 27.62
CA SER A 42 -2.09 8.51 27.18
C SER A 42 -0.94 8.84 26.23
N SER A 43 -1.10 9.89 25.44
CA SER A 43 -0.08 10.27 24.47
C SER A 43 1.27 10.62 25.12
N LYS A 44 1.25 10.85 26.42
CA LYS A 44 2.45 11.28 27.16
C LYS A 44 3.25 10.10 27.70
N VAL A 45 2.77 8.88 27.45
CA VAL A 45 3.38 7.69 28.04
C VAL A 45 4.62 7.28 27.28
N ASN A 46 5.68 7.05 28.05
CA ASN A 46 6.97 6.59 27.52
C ASN A 46 7.08 5.08 27.59
N VAL A 47 7.01 4.41 26.45
CA VAL A 47 7.05 2.96 26.41
C VAL A 47 8.45 2.39 26.18
N SER A 48 9.45 3.26 26.15
CA SER A 48 10.82 2.85 25.84
C SER A 48 11.32 1.73 26.77
N GLY A 49 12.24 0.93 26.26
CA GLY A 49 12.80 -0.19 26.99
C GLY A 49 14.19 -0.50 26.50
N GLN A 50 15.01 -1.13 27.35
CA GLN A 50 16.39 -1.45 27.01
C GLN A 50 16.47 -2.72 26.18
N PHE A 51 16.97 -2.62 24.95
CA PHE A 51 17.17 -3.81 24.12
C PHE A 51 18.40 -4.57 24.59
N THR A 52 19.51 -3.84 24.71
CA THR A 52 20.71 -4.33 25.37
C THR A 52 21.08 -3.33 26.45
N LYS A 53 22.25 -3.51 27.04
CA LYS A 53 22.67 -2.64 28.13
C LYS A 53 22.80 -1.18 27.68
N ASN A 54 23.22 -0.97 26.44
CA ASN A 54 23.51 0.38 25.95
C ASN A 54 22.55 0.90 24.89
N ILE A 55 21.61 0.06 24.44
CA ILE A 55 20.66 0.46 23.42
C ILE A 55 19.25 0.56 23.99
N LEU A 56 18.74 1.79 24.02
CA LEU A 56 17.38 2.07 24.48
C LEU A 56 16.47 2.28 23.27
N LEU A 57 15.53 1.36 23.06
CA LEU A 57 14.57 1.50 21.98
C LEU A 57 13.41 2.40 22.40
N HIS A 58 13.10 3.39 21.58
CA HIS A 58 11.98 4.28 21.83
C HIS A 58 10.71 3.45 21.81
N LEU A 59 10.69 2.52 20.86
CA LEU A 59 9.58 1.61 20.67
C LEU A 59 10.05 0.20 21.05
N PRO A 60 9.53 -0.33 22.17
CA PRO A 60 10.10 -1.56 22.72
C PRO A 60 9.75 -2.80 21.92
N LEU A 61 10.02 -2.78 20.61
CA LEU A 61 9.60 -3.85 19.72
C LEU A 61 10.72 -4.28 18.78
N VAL A 62 10.90 -5.59 18.66
CA VAL A 62 11.94 -6.18 17.85
C VAL A 62 11.34 -7.20 16.90
N SER A 63 11.67 -7.11 15.62
CA SER A 63 11.16 -8.08 14.65
C SER A 63 11.98 -9.36 14.73
N SER A 64 11.29 -10.48 14.72
CA SER A 64 11.92 -11.79 14.91
C SER A 64 12.90 -12.12 13.79
N PRO A 65 13.97 -12.85 14.11
CA PRO A 65 14.92 -13.26 13.06
C PRO A 65 14.48 -14.54 12.37
N MET A 66 13.27 -14.49 11.82
CA MET A 66 12.73 -15.58 11.01
C MET A 66 12.69 -15.13 9.55
N ASP A 67 12.94 -16.05 8.62
CA ASP A 67 12.98 -15.69 7.20
C ASP A 67 11.59 -15.39 6.65
N THR A 68 10.57 -15.57 7.48
CA THR A 68 9.19 -15.22 7.15
C THR A 68 8.92 -13.76 7.49
N VAL A 69 9.80 -13.17 8.29
CA VAL A 69 9.51 -11.87 8.92
C VAL A 69 10.54 -10.79 8.61
N THR A 70 11.81 -11.04 8.90
CA THR A 70 12.82 -9.98 8.89
C THR A 70 13.97 -10.18 7.92
N GLU A 71 13.85 -9.57 6.74
CA GLU A 71 15.01 -9.31 5.90
C GLU A 71 15.18 -7.79 5.84
N SER A 72 15.92 -7.31 4.84
CA SER A 72 16.34 -5.90 4.81
C SER A 72 15.20 -4.90 4.98
N SER A 73 14.05 -5.17 4.35
CA SER A 73 12.96 -4.21 4.32
C SER A 73 12.31 -4.03 5.69
N MET A 74 12.05 -5.13 6.39
CA MET A 74 11.49 -5.09 7.75
C MET A 74 12.41 -4.34 8.73
N ALA A 75 13.70 -4.68 8.72
CA ALA A 75 14.67 -4.05 9.61
C ALA A 75 14.65 -2.52 9.51
N ARG A 76 14.46 -2.01 8.29
CA ARG A 76 14.35 -0.58 8.08
C ARG A 76 13.12 -0.02 8.78
N ALA A 77 11.98 -0.67 8.55
CA ALA A 77 10.70 -0.20 9.05
C ALA A 77 10.70 -0.16 10.57
N MET A 78 11.25 -1.20 11.19
CA MET A 78 11.34 -1.25 12.64
C MET A 78 12.17 -0.08 13.16
N ALA A 79 13.34 0.10 12.59
CA ALA A 79 14.28 1.12 13.07
C ALA A 79 13.72 2.51 12.90
N LEU A 80 12.95 2.73 11.84
CA LEU A 80 12.38 4.04 11.56
C LEU A 80 11.33 4.43 12.60
N MET A 81 10.59 3.42 13.08
CA MET A 81 9.53 3.65 14.06
C MET A 81 10.07 3.74 15.49
N GLY A 82 11.33 3.35 15.68
CA GLY A 82 11.98 3.44 16.97
C GLY A 82 12.28 2.09 17.59
N GLY A 83 11.95 1.01 16.88
CA GLY A 83 12.30 -0.33 17.30
C GLY A 83 13.59 -0.77 16.65
N ILE A 84 13.69 -2.05 16.34
CA ILE A 84 14.87 -2.58 15.68
C ILE A 84 14.56 -3.92 15.02
N GLY A 85 15.35 -4.29 14.02
CA GLY A 85 15.16 -5.56 13.34
C GLY A 85 16.33 -6.50 13.55
N VAL A 86 16.04 -7.80 13.49
CA VAL A 86 17.09 -8.80 13.56
C VAL A 86 17.10 -9.60 12.26
N ILE A 87 18.03 -9.28 11.37
CA ILE A 87 18.18 -10.00 10.11
C ILE A 87 18.39 -11.48 10.40
N HIS A 88 17.55 -12.33 9.80
CA HIS A 88 17.62 -13.75 10.03
C HIS A 88 18.90 -14.32 9.46
N ASN A 89 19.21 -15.57 9.82
CA ASN A 89 20.47 -16.20 9.46
C ASN A 89 20.30 -17.41 8.56
N ASN A 90 19.07 -17.66 8.11
CA ASN A 90 18.84 -18.73 7.15
C ASN A 90 19.16 -18.23 5.75
N CYS A 91 20.46 -18.06 5.51
CA CYS A 91 20.96 -17.47 4.29
C CYS A 91 22.48 -17.51 4.36
N THR A 92 23.13 -17.26 3.24
CA THR A 92 24.58 -17.25 3.20
C THR A 92 25.14 -16.08 4.01
N VAL A 93 26.42 -16.16 4.36
CA VAL A 93 27.07 -15.06 5.04
C VAL A 93 27.04 -13.82 4.14
N GLU A 94 27.26 -14.05 2.85
CA GLU A 94 27.26 -12.98 1.86
C GLU A 94 25.89 -12.32 1.78
N GLN A 95 24.83 -13.13 1.67
CA GLN A 95 23.47 -12.61 1.61
C GLN A 95 23.16 -11.81 2.86
N GLN A 96 23.51 -12.37 4.02
CA GLN A 96 23.12 -11.77 5.28
C GLN A 96 23.80 -10.41 5.49
N ALA A 97 25.06 -10.28 5.09
CA ALA A 97 25.76 -9.01 5.22
C ALA A 97 25.22 -7.98 4.22
N ARG A 98 24.84 -8.46 3.04
CA ARG A 98 24.27 -7.60 2.01
C ARG A 98 22.99 -6.98 2.55
N MET A 99 22.20 -7.78 3.25
CA MET A 99 20.97 -7.32 3.86
C MET A 99 21.23 -6.28 4.95
N VAL A 100 22.27 -6.49 5.76
CA VAL A 100 22.62 -5.55 6.80
C VAL A 100 22.99 -4.19 6.20
N ARG A 101 23.86 -4.21 5.18
CA ARG A 101 24.29 -3.00 4.49
C ARG A 101 23.11 -2.18 3.96
N SER A 102 22.08 -2.86 3.51
CA SER A 102 20.89 -2.19 3.00
C SER A 102 20.20 -1.37 4.08
N VAL A 103 20.27 -1.84 5.32
CA VAL A 103 19.61 -1.17 6.42
C VAL A 103 20.44 0.03 6.89
N LYS A 104 21.74 -0.19 7.05
CA LYS A 104 22.63 0.84 7.58
C LYS A 104 22.75 2.03 6.63
N LEU A 105 22.94 1.73 5.35
CA LEU A 105 23.21 2.75 4.34
C LEU A 105 21.92 3.30 3.73
N TYR A 106 20.78 2.91 4.27
CA TYR A 106 19.49 3.44 3.83
C TYR A 106 19.37 4.90 4.26
N ARG A 107 19.42 5.11 5.57
CA ARG A 107 19.43 6.47 6.12
C ARG A 107 20.87 6.87 6.42
N ASN A 108 21.23 8.06 5.97
CA ASN A 108 22.53 8.65 6.23
C ASN A 108 22.40 10.11 6.61
N GLY A 109 23.52 10.69 7.05
CA GLY A 109 23.69 12.13 7.00
C GLY A 109 24.41 12.39 5.70
N PHE A 110 25.72 12.15 5.71
CA PHE A 110 26.55 12.19 4.51
C PHE A 110 26.66 10.80 3.91
N ILE A 111 26.24 10.67 2.65
CA ILE A 111 26.33 9.41 1.95
C ILE A 111 27.74 9.22 1.38
N MET A 112 28.57 8.44 2.09
CA MET A 112 29.90 8.08 1.60
C MET A 112 29.77 6.93 0.62
N LYS A 113 30.70 6.84 -0.32
CA LYS A 113 30.61 5.85 -1.40
C LYS A 113 29.26 5.92 -2.15
N PRO A 114 28.91 7.10 -2.68
CA PRO A 114 27.67 7.21 -3.45
C PRO A 114 27.60 6.23 -4.62
N LYS A 115 26.41 5.80 -5.01
CA LYS A 115 26.28 4.96 -6.18
C LYS A 115 26.60 5.81 -7.40
N SER A 116 27.64 5.41 -8.13
CA SER A 116 28.14 6.19 -9.26
C SER A 116 28.32 5.31 -10.49
N VAL A 117 28.12 5.91 -11.66
CA VAL A 117 28.22 5.19 -12.93
C VAL A 117 29.04 5.96 -13.94
N SER A 118 29.56 5.26 -14.95
CA SER A 118 30.32 5.89 -16.02
C SER A 118 29.35 6.50 -17.05
N PRO A 119 29.80 7.53 -17.80
CA PRO A 119 28.90 8.15 -18.79
C PRO A 119 28.51 7.20 -19.93
N ASP A 120 29.30 6.15 -20.12
CA ASP A 120 29.04 5.18 -21.18
C ASP A 120 27.82 4.32 -20.87
N VAL A 121 27.51 4.21 -19.58
CA VAL A 121 26.42 3.35 -19.11
C VAL A 121 25.07 3.77 -19.71
N PRO A 122 24.24 2.80 -20.11
CA PRO A 122 22.92 3.15 -20.66
C PRO A 122 21.90 3.53 -19.59
N VAL A 123 20.85 4.22 -20.02
CA VAL A 123 19.74 4.57 -19.14
C VAL A 123 19.17 3.32 -18.49
N SER A 124 19.15 2.22 -19.24
CA SER A 124 18.63 0.94 -18.76
C SER A 124 19.19 0.55 -17.39
N THR A 125 20.46 0.86 -17.16
CA THR A 125 21.11 0.56 -15.89
C THR A 125 20.57 1.45 -14.77
N ILE A 126 20.31 2.72 -15.09
CA ILE A 126 19.80 3.65 -14.08
C ILE A 126 18.41 3.24 -13.64
N ARG A 127 17.63 2.68 -14.56
CA ARG A 127 16.28 2.24 -14.26
C ARG A 127 16.29 0.97 -13.39
N ASN A 128 17.36 0.19 -13.52
CA ASN A 128 17.51 -1.03 -12.72
C ASN A 128 17.99 -0.74 -11.31
N ILE A 129 18.90 0.21 -11.17
CA ILE A 129 19.36 0.64 -9.85
C ILE A 129 18.17 1.22 -9.09
N LYS A 130 17.30 1.92 -9.80
CA LYS A 130 16.12 2.56 -9.21
C LYS A 130 15.09 1.50 -8.79
N SER A 131 15.03 0.41 -9.54
CA SER A 131 14.04 -0.64 -9.30
C SER A 131 14.51 -1.65 -8.25
N GLU A 132 15.82 -1.88 -8.18
CA GLU A 132 16.38 -2.85 -7.25
C GLU A 132 16.72 -2.23 -5.90
N LYS A 133 17.72 -1.35 -5.87
CA LYS A 133 18.19 -0.76 -4.62
C LYS A 133 17.29 0.37 -4.15
N GLY A 134 16.42 0.86 -5.03
CA GLY A 134 15.42 1.85 -4.66
C GLY A 134 15.94 3.27 -4.55
N ILE A 135 17.18 3.48 -4.95
CA ILE A 135 17.82 4.79 -4.86
C ILE A 135 17.82 5.50 -6.20
N SER A 136 17.88 6.83 -6.16
CA SER A 136 18.03 7.64 -7.36
C SER A 136 19.17 8.63 -7.12
N GLY A 137 19.21 9.70 -7.92
CA GLY A 137 20.27 10.68 -7.81
C GLY A 137 21.64 10.09 -8.08
N ILE A 138 21.70 9.19 -9.06
CA ILE A 138 22.94 8.49 -9.37
C ILE A 138 23.97 9.45 -9.95
N LEU A 139 25.16 9.46 -9.37
CA LEU A 139 26.23 10.35 -9.82
C LEU A 139 26.93 9.77 -11.05
N VAL A 140 27.30 10.66 -11.97
CA VAL A 140 28.11 10.30 -13.12
C VAL A 140 29.52 10.82 -12.92
N THR A 141 30.47 9.90 -12.89
CA THR A 141 31.87 10.24 -12.63
C THR A 141 32.79 9.51 -13.59
N GLU A 142 34.07 9.86 -13.56
CA GLU A 142 35.06 9.19 -14.37
C GLU A 142 35.18 7.71 -13.98
N GLY A 143 34.89 6.83 -14.94
CA GLY A 143 35.03 5.40 -14.73
C GLY A 143 34.03 4.80 -13.76
N GLY A 144 33.06 5.62 -13.33
CA GLY A 144 32.05 5.15 -12.40
C GLY A 144 32.54 5.06 -10.98
N LYS A 145 33.78 5.51 -10.74
CA LYS A 145 34.35 5.52 -9.40
C LYS A 145 33.53 6.44 -8.50
N TYR A 146 33.22 5.96 -7.30
CA TYR A 146 32.42 6.74 -6.36
C TYR A 146 33.17 7.98 -5.87
N ASP A 147 34.48 8.03 -6.16
CA ASP A 147 35.31 9.18 -5.79
C ASP A 147 36.06 9.72 -7.01
N GLY A 148 35.48 9.54 -8.18
CA GLY A 148 36.03 10.08 -9.41
C GLY A 148 35.57 11.51 -9.65
N LYS A 149 36.05 12.11 -10.74
CA LYS A 149 35.69 13.47 -11.08
C LYS A 149 34.23 13.56 -11.52
N LEU A 150 33.46 14.45 -10.88
CA LEU A 150 32.01 14.55 -11.12
C LEU A 150 31.66 15.20 -12.45
N LEU A 151 30.91 14.46 -13.26
CA LEU A 151 30.49 14.93 -14.58
C LEU A 151 29.01 15.32 -14.61
N GLY A 152 28.19 14.58 -13.87
CA GLY A 152 26.77 14.88 -13.81
C GLY A 152 25.99 14.04 -12.82
N ILE A 153 24.67 14.15 -12.88
CA ILE A 153 23.76 13.43 -11.99
C ILE A 153 22.51 13.00 -12.76
N VAL A 154 22.06 11.78 -12.52
CA VAL A 154 20.86 11.26 -13.17
C VAL A 154 19.74 11.08 -12.16
N CYS A 155 18.57 11.63 -12.47
CA CYS A 155 17.40 11.53 -11.59
C CYS A 155 16.18 11.09 -12.39
N THR A 156 15.07 10.87 -11.70
CA THR A 156 13.88 10.32 -12.34
C THR A 156 13.37 11.18 -13.51
N LYS A 157 13.43 12.50 -13.34
CA LYS A 157 12.89 13.41 -14.36
C LYS A 157 13.84 13.57 -15.54
N ASP A 158 15.02 12.96 -15.44
CA ASP A 158 16.01 13.03 -16.51
C ASP A 158 15.79 11.93 -17.53
N ILE A 159 15.17 10.83 -17.11
CA ILE A 159 15.09 9.63 -17.94
C ILE A 159 13.72 8.96 -17.99
N ASP A 160 12.72 9.56 -17.34
CA ASP A 160 11.40 8.95 -17.33
C ASP A 160 10.76 9.05 -18.72
N PHE A 161 11.20 10.01 -19.53
CA PHE A 161 10.59 10.27 -20.83
C PHE A 161 11.39 9.70 -22.01
N VAL A 162 12.50 9.03 -21.70
CA VAL A 162 13.38 8.49 -22.74
C VAL A 162 12.80 7.22 -23.35
N LYS A 163 12.73 7.17 -24.68
CA LYS A 163 12.17 6.02 -25.40
C LYS A 163 13.22 4.93 -25.65
N ASP A 164 14.44 5.34 -25.98
CA ASP A 164 15.53 4.40 -26.24
C ASP A 164 16.35 4.14 -24.98
N ALA A 165 16.09 3.00 -24.34
CA ALA A 165 16.72 2.68 -23.05
C ALA A 165 18.23 2.42 -23.14
N SER A 166 18.75 2.30 -24.36
CA SER A 166 20.16 1.96 -24.56
C SER A 166 21.05 3.20 -24.69
N ALA A 167 20.43 4.37 -24.80
CA ALA A 167 21.17 5.61 -24.95
C ALA A 167 22.08 5.87 -23.74
N PRO A 168 23.26 6.46 -23.98
CA PRO A 168 24.17 6.76 -22.86
C PRO A 168 23.65 7.89 -21.98
N VAL A 169 23.81 7.76 -20.67
CA VAL A 169 23.29 8.75 -19.73
C VAL A 169 23.79 10.17 -20.04
N SER A 170 24.90 10.28 -20.77
CA SER A 170 25.51 11.58 -21.09
C SER A 170 24.53 12.56 -21.74
N GLN A 171 23.63 12.02 -22.56
CA GLN A 171 22.70 12.85 -23.33
C GLN A 171 21.62 13.47 -22.46
N TYR A 172 21.19 12.72 -21.45
CA TYR A 172 20.04 13.10 -20.64
C TYR A 172 20.41 13.53 -19.23
N MET A 173 21.67 13.33 -18.84
CA MET A 173 22.10 13.71 -17.50
C MET A 173 22.24 15.23 -17.40
N THR A 174 22.22 15.74 -16.17
CA THR A 174 22.53 17.13 -15.90
C THR A 174 24.03 17.27 -15.72
N ARG A 175 24.65 18.16 -16.50
CA ARG A 175 26.10 18.26 -16.55
C ARG A 175 26.65 18.99 -15.32
N ARG A 176 27.89 18.68 -14.96
CA ARG A 176 28.54 19.25 -13.79
C ARG A 176 28.56 20.78 -13.81
N GLU A 177 28.50 21.36 -15.01
CA GLU A 177 28.53 22.81 -15.16
C GLU A 177 27.28 23.46 -14.56
N ASN A 178 26.15 22.76 -14.64
CA ASN A 178 24.86 23.32 -14.24
C ASN A 178 24.41 22.87 -12.85
N MET A 179 25.31 22.23 -12.11
CA MET A 179 24.96 21.64 -10.82
C MET A 179 25.34 22.51 -9.63
N THR A 180 24.45 22.53 -8.64
CA THR A 180 24.73 23.13 -7.34
C THR A 180 25.51 22.15 -6.46
N VAL A 181 26.76 22.47 -6.17
CA VAL A 181 27.59 21.60 -5.34
C VAL A 181 28.10 22.34 -4.11
N GLU A 182 28.95 21.67 -3.34
CA GLU A 182 29.64 22.30 -2.22
C GLU A 182 31.05 21.74 -2.11
N ARG A 183 31.90 22.44 -1.35
CA ARG A 183 33.30 22.06 -1.21
C ARG A 183 33.56 21.51 0.18
N TYR A 184 34.33 20.42 0.25
CA TYR A 184 34.75 19.85 1.53
C TYR A 184 35.85 20.71 2.15
N PRO A 185 35.81 20.92 3.48
CA PRO A 185 34.84 20.42 4.46
C PRO A 185 33.61 21.32 4.59
N ILE A 186 32.53 20.75 5.12
CA ILE A 186 31.30 21.48 5.37
C ILE A 186 30.46 20.71 6.37
N LYS A 187 30.02 21.41 7.41
CA LYS A 187 29.23 20.76 8.44
C LYS A 187 27.90 20.28 7.85
N LEU A 188 27.49 19.08 8.25
CA LEU A 188 26.29 18.45 7.70
C LEU A 188 25.07 19.36 7.74
N GLU A 189 24.85 19.99 8.90
CA GLU A 189 23.68 20.83 9.11
C GLU A 189 23.66 22.03 8.16
N GLU A 190 24.83 22.43 7.68
CA GLU A 190 24.93 23.54 6.73
C GLU A 190 24.70 23.08 5.29
N ALA A 191 25.21 21.90 4.96
CA ALA A 191 25.02 21.33 3.64
C ALA A 191 23.53 21.07 3.40
N MET A 192 22.86 20.56 4.44
CA MET A 192 21.44 20.27 4.38
C MET A 192 20.61 21.55 4.19
N ASP A 193 21.15 22.67 4.67
CA ASP A 193 20.47 23.95 4.51
C ASP A 193 20.60 24.43 3.07
N VAL A 194 21.77 24.25 2.49
CA VAL A 194 22.00 24.60 1.09
C VAL A 194 21.08 23.77 0.21
N LEU A 195 20.97 22.49 0.54
CA LEU A 195 20.15 21.56 -0.22
C LEU A 195 18.68 21.98 -0.20
N ASN A 196 18.18 22.36 0.97
CA ASN A 196 16.80 22.82 1.09
C ASN A 196 16.57 24.12 0.32
N ARG A 197 17.60 24.95 0.30
CA ARG A 197 17.51 26.26 -0.32
C ARG A 197 17.58 26.16 -1.85
N SER A 198 18.17 25.07 -2.34
CA SER A 198 18.40 24.89 -3.77
C SER A 198 17.21 24.27 -4.48
N ARG A 199 16.26 23.74 -3.71
CA ARG A 199 15.06 23.09 -4.23
C ARG A 199 15.42 21.85 -5.05
N HIS A 200 16.56 21.24 -4.73
CA HIS A 200 17.00 20.01 -5.40
C HIS A 200 16.98 18.83 -4.45
N GLY A 201 16.97 17.63 -5.01
CA GLY A 201 16.85 16.41 -4.24
C GLY A 201 18.18 15.84 -3.79
N TYR A 202 19.27 16.34 -4.36
CA TYR A 202 20.60 15.84 -4.03
C TYR A 202 21.64 16.97 -4.05
N LEU A 203 22.67 16.85 -3.21
CA LEU A 203 23.76 17.82 -3.16
C LEU A 203 25.10 17.11 -2.99
N PRO A 204 25.87 16.97 -4.10
CA PRO A 204 27.20 16.37 -3.95
C PRO A 204 28.19 17.34 -3.30
N VAL A 205 29.11 16.79 -2.52
CA VAL A 205 30.19 17.57 -1.92
C VAL A 205 31.50 17.12 -2.53
N LEU A 206 32.28 18.06 -3.02
CA LEU A 206 33.47 17.78 -3.80
C LEU A 206 34.76 18.25 -3.12
N ASN A 207 35.88 17.66 -3.50
CA ASN A 207 37.19 18.15 -3.11
C ASN A 207 37.63 19.25 -4.08
N ASP A 208 38.91 19.63 -4.03
CA ASP A 208 39.42 20.72 -4.85
C ASP A 208 39.47 20.34 -6.34
N LYS A 209 39.58 19.04 -6.62
CA LYS A 209 39.74 18.56 -8.00
C LYS A 209 38.41 18.08 -8.59
N ASP A 210 37.30 18.52 -8.01
CA ASP A 210 35.96 18.17 -8.50
C ASP A 210 35.69 16.65 -8.40
N GLU A 211 36.35 15.98 -7.46
CA GLU A 211 36.09 14.57 -7.21
C GLU A 211 35.09 14.41 -6.07
N VAL A 212 34.25 13.37 -6.14
CA VAL A 212 33.17 13.21 -5.17
C VAL A 212 33.66 12.66 -3.83
N VAL A 213 33.53 13.47 -2.79
CA VAL A 213 33.85 13.04 -1.43
C VAL A 213 32.65 12.32 -0.81
N CYS A 214 31.52 13.03 -0.73
CA CYS A 214 30.27 12.43 -0.25
C CYS A 214 29.05 13.09 -0.93
N LEU A 215 27.86 12.69 -0.50
CA LEU A 215 26.62 13.17 -1.10
C LEU A 215 25.58 13.45 -0.02
N CYS A 216 24.66 14.36 -0.33
CA CYS A 216 23.51 14.63 0.53
C CYS A 216 22.22 14.35 -0.22
N SER A 217 21.31 13.62 0.41
CA SER A 217 20.01 13.32 -0.18
C SER A 217 18.91 14.06 0.56
N ARG A 218 18.07 14.77 -0.19
CA ARG A 218 16.94 15.47 0.41
C ARG A 218 15.99 14.47 1.05
N ARG A 219 15.97 13.24 0.55
CA ARG A 219 15.14 12.19 1.12
C ARG A 219 15.47 11.94 2.60
N ASP A 220 16.76 11.95 2.93
CA ASP A 220 17.21 11.73 4.30
C ASP A 220 16.73 12.84 5.24
N ALA A 221 16.47 14.01 4.68
CA ALA A 221 15.98 15.13 5.47
C ALA A 221 14.49 15.00 5.77
N VAL A 222 13.75 14.38 4.85
CA VAL A 222 12.33 14.12 5.04
C VAL A 222 12.10 12.98 6.03
N ARG A 223 13.00 12.00 5.99
CA ARG A 223 12.91 10.85 6.89
C ARG A 223 13.24 11.19 8.34
N ALA A 224 13.96 12.29 8.55
CA ALA A 224 14.24 12.77 9.90
C ALA A 224 13.04 13.55 10.42
N ARG A 225 12.29 14.12 9.48
CA ARG A 225 11.10 14.90 9.78
C ARG A 225 9.89 13.99 9.96
N ASP A 226 9.80 12.96 9.13
CA ASP A 226 8.66 12.05 9.13
C ASP A 226 8.80 10.99 10.21
N TYR A 227 10.04 10.59 10.48
CA TYR A 227 10.33 9.57 11.49
C TYR A 227 11.32 10.11 12.50
N PRO A 228 10.85 11.02 13.38
CA PRO A 228 11.69 11.69 14.37
C PRO A 228 12.23 10.76 15.44
N ASN A 229 11.66 9.56 15.55
CA ASN A 229 12.02 8.62 16.61
C ASN A 229 12.81 7.44 16.08
N SER A 230 13.36 7.58 14.88
CA SER A 230 14.16 6.51 14.30
C SER A 230 15.28 6.09 15.24
N SER A 231 15.57 4.80 15.25
CA SER A 231 16.62 4.24 16.07
C SER A 231 17.97 4.36 15.37
N LEU A 232 18.80 5.29 15.84
CA LEU A 232 20.06 5.63 15.15
C LEU A 232 21.31 5.34 15.97
N ASP A 233 22.40 5.03 15.27
CA ASP A 233 23.72 4.96 15.87
C ASP A 233 24.35 6.34 15.93
N ARG A 234 25.61 6.42 16.37
CA ARG A 234 26.28 7.72 16.48
C ARG A 234 26.64 8.31 15.11
N ASN A 235 26.28 7.63 14.04
CA ASN A 235 26.56 8.11 12.68
C ASN A 235 25.29 8.39 11.87
N GLY A 236 24.14 8.36 12.52
CA GLY A 236 22.89 8.71 11.87
C GLY A 236 22.37 7.63 10.92
N HIS A 237 22.94 6.43 11.03
CA HIS A 237 22.42 5.28 10.31
C HIS A 237 21.39 4.58 11.18
N LEU A 238 20.46 3.85 10.57
CA LEU A 238 19.50 3.06 11.32
C LEU A 238 20.22 1.94 12.07
N LEU A 239 19.75 1.58 13.25
CA LEU A 239 20.31 0.45 13.97
C LEU A 239 19.91 -0.84 13.28
N CYS A 240 20.70 -1.90 13.50
CA CYS A 240 20.41 -3.18 12.88
C CYS A 240 21.03 -4.32 13.66
N ALA A 241 20.21 -5.33 13.97
CA ALA A 241 20.71 -6.56 14.57
C ALA A 241 20.66 -7.68 13.56
N ALA A 242 21.44 -8.72 13.81
CA ALA A 242 21.46 -9.90 12.96
C ALA A 242 21.66 -11.13 13.82
N ALA A 243 21.10 -12.24 13.36
CA ALA A 243 21.15 -13.47 14.10
C ALA A 243 22.34 -14.33 13.64
N THR A 244 22.84 -15.15 14.56
CA THR A 244 23.87 -16.15 14.25
C THR A 244 23.75 -17.30 15.23
N SER A 245 24.07 -18.51 14.78
CA SER A 245 24.21 -19.64 15.71
C SER A 245 25.61 -19.59 16.30
N THR A 246 25.91 -20.52 17.21
CA THR A 246 27.13 -20.44 18.01
C THR A 246 28.19 -21.48 17.64
N ARG A 247 28.09 -22.04 16.44
CA ARG A 247 29.05 -23.03 15.97
C ARG A 247 30.36 -22.35 15.58
N GLU A 248 31.42 -23.14 15.46
CA GLU A 248 32.72 -22.62 15.05
C GLU A 248 32.61 -21.97 13.68
N ALA A 249 31.88 -22.63 12.79
CA ALA A 249 31.67 -22.13 11.44
C ALA A 249 31.21 -20.68 11.44
N ASP A 250 30.41 -20.31 12.43
CA ASP A 250 29.76 -19.01 12.45
C ASP A 250 30.67 -17.86 12.87
N LYS A 251 31.85 -18.17 13.37
CA LYS A 251 32.80 -17.13 13.75
C LYS A 251 33.11 -16.30 12.52
N GLY A 252 33.13 -16.96 11.37
CA GLY A 252 33.30 -16.28 10.10
C GLY A 252 32.14 -15.34 9.84
N ARG A 253 30.93 -15.84 10.07
CA ARG A 253 29.72 -15.05 9.85
C ARG A 253 29.72 -13.77 10.69
N VAL A 254 30.17 -13.86 11.94
CA VAL A 254 30.17 -12.68 12.79
C VAL A 254 31.11 -11.60 12.25
N ALA A 255 32.24 -12.03 11.73
CA ALA A 255 33.22 -11.08 11.18
C ALA A 255 32.59 -10.32 10.02
N ALA A 256 31.91 -11.05 9.15
CA ALA A 256 31.24 -10.46 8.01
C ALA A 256 30.20 -9.45 8.46
N LEU A 257 29.37 -9.85 9.42
CA LEU A 257 28.32 -8.99 9.93
C LEU A 257 28.87 -7.76 10.65
N SER A 258 29.95 -7.93 11.41
CA SER A 258 30.57 -6.80 12.10
C SER A 258 31.05 -5.76 11.09
N GLU A 259 31.64 -6.25 10.01
CA GLU A 259 32.20 -5.39 8.98
C GLU A 259 31.07 -4.69 8.22
N ALA A 260 29.93 -5.36 8.10
CA ALA A 260 28.77 -4.81 7.44
C ALA A 260 28.13 -3.71 8.27
N GLY A 261 28.36 -3.76 9.58
CA GLY A 261 28.03 -2.65 10.45
C GLY A 261 26.97 -2.89 11.51
N ILE A 262 26.63 -4.15 11.78
CA ILE A 262 25.64 -4.45 12.81
C ILE A 262 26.02 -3.81 14.13
N ASP A 263 25.01 -3.53 14.94
CA ASP A 263 25.20 -2.94 16.25
C ASP A 263 24.95 -3.97 17.34
N VAL A 264 24.13 -4.97 17.03
CA VAL A 264 23.77 -6.00 17.99
C VAL A 264 23.76 -7.37 17.34
N LEU A 265 24.41 -8.32 18.01
CA LEU A 265 24.41 -9.71 17.58
C LEU A 265 23.42 -10.49 18.44
N VAL A 266 22.56 -11.27 17.78
CA VAL A 266 21.56 -12.06 18.48
C VAL A 266 21.79 -13.54 18.27
N LEU A 267 22.06 -14.26 19.34
CA LEU A 267 22.37 -15.68 19.23
C LEU A 267 21.09 -16.50 19.05
N ASP A 268 21.14 -17.41 18.07
CA ASP A 268 20.01 -18.26 17.74
C ASP A 268 20.17 -19.66 18.31
N SER A 269 19.47 -19.94 19.40
CA SER A 269 19.54 -21.26 20.03
C SER A 269 18.22 -21.61 20.70
N SER A 270 17.76 -22.83 20.48
CA SER A 270 16.54 -23.32 21.09
C SER A 270 16.72 -23.41 22.61
N GLN A 271 17.93 -23.80 23.03
CA GLN A 271 18.36 -23.65 24.40
C GLN A 271 19.78 -23.11 24.46
N GLY A 272 19.94 -21.93 25.07
CA GLY A 272 21.20 -21.22 25.04
C GLY A 272 22.15 -21.58 26.15
N ASN A 273 21.70 -22.37 27.12
CA ASN A 273 22.57 -22.73 28.23
C ASN A 273 23.48 -23.88 27.85
N THR A 274 24.36 -23.61 26.89
CA THR A 274 25.30 -24.61 26.39
C THR A 274 26.71 -24.06 26.49
N ILE A 275 27.66 -24.96 26.66
CA ILE A 275 29.07 -24.59 26.65
C ILE A 275 29.42 -23.85 25.37
N TYR A 276 28.73 -24.22 24.29
CA TYR A 276 29.04 -23.70 22.97
C TYR A 276 28.71 -22.22 22.93
N GLN A 277 27.60 -21.84 23.55
CA GLN A 277 27.20 -20.45 23.57
C GLN A 277 28.02 -19.67 24.58
N VAL A 278 28.29 -20.28 25.73
CA VAL A 278 29.12 -19.65 26.75
C VAL A 278 30.47 -19.29 26.14
N SER A 279 31.06 -20.26 25.45
CA SER A 279 32.34 -20.05 24.78
C SER A 279 32.22 -18.95 23.75
N PHE A 280 31.21 -19.10 22.90
CA PHE A 280 30.99 -18.18 21.79
C PHE A 280 30.84 -16.74 22.26
N ILE A 281 30.08 -16.53 23.32
CA ILE A 281 29.89 -15.19 23.86
C ILE A 281 31.23 -14.60 24.29
N ARG A 282 32.05 -15.41 24.96
CA ARG A 282 33.34 -14.92 25.46
C ARG A 282 34.21 -14.51 24.29
N TRP A 283 34.16 -15.31 23.24
CA TRP A 283 34.92 -15.05 22.02
C TRP A 283 34.49 -13.73 21.38
N VAL A 284 33.19 -13.54 21.19
CA VAL A 284 32.68 -12.30 20.60
C VAL A 284 33.17 -11.10 21.39
N LYS A 285 33.25 -11.24 22.71
CA LYS A 285 33.60 -10.13 23.57
C LYS A 285 35.09 -9.81 23.54
N LYS A 286 35.92 -10.84 23.45
CA LYS A 286 37.35 -10.64 23.29
C LYS A 286 37.66 -10.12 21.89
N THR A 287 36.91 -10.61 20.91
CA THR A 287 37.22 -10.35 19.51
C THR A 287 36.56 -9.08 18.95
N TYR A 288 35.30 -8.84 19.33
CA TYR A 288 34.56 -7.68 18.82
C TYR A 288 33.82 -6.94 19.94
N PRO A 289 34.57 -6.26 20.81
CA PRO A 289 34.01 -5.64 22.03
C PRO A 289 33.01 -4.51 21.76
N HIS A 290 32.96 -4.02 20.53
CA HIS A 290 32.01 -2.97 20.19
C HIS A 290 30.59 -3.54 20.01
N LEU A 291 30.48 -4.86 19.88
CA LEU A 291 29.18 -5.51 19.68
C LEU A 291 28.51 -5.87 20.99
N GLU A 292 27.22 -5.55 21.08
CA GLU A 292 26.35 -6.06 22.13
C GLU A 292 25.89 -7.46 21.73
N VAL A 293 25.77 -8.36 22.69
CA VAL A 293 25.31 -9.71 22.41
C VAL A 293 24.02 -10.02 23.15
N VAL A 294 23.13 -10.72 22.45
CA VAL A 294 21.90 -11.20 23.05
C VAL A 294 21.98 -12.72 23.15
N ALA A 295 22.09 -13.23 24.37
CA ALA A 295 22.18 -14.67 24.58
C ALA A 295 20.78 -15.25 24.68
N GLY A 296 20.69 -16.57 24.57
CA GLY A 296 19.43 -17.27 24.73
C GLY A 296 19.25 -18.33 23.67
N ASN A 297 18.07 -18.93 23.60
CA ASN A 297 16.97 -18.62 24.51
C ASN A 297 17.12 -19.30 25.87
N VAL A 298 16.58 -18.66 26.91
CA VAL A 298 16.55 -19.24 28.25
C VAL A 298 15.18 -19.08 28.87
N VAL A 299 14.87 -19.91 29.86
CA VAL A 299 13.60 -19.81 30.57
C VAL A 299 13.77 -19.91 32.09
N THR A 300 14.99 -20.17 32.56
CA THR A 300 15.23 -20.23 34.01
C THR A 300 16.36 -19.32 34.43
N GLN A 301 16.33 -18.93 35.70
CA GLN A 301 17.36 -18.09 36.28
C GLN A 301 18.71 -18.77 36.22
N ASP A 302 18.69 -20.10 36.35
CA ASP A 302 19.92 -20.90 36.32
C ASP A 302 20.59 -20.82 34.95
N GLN A 303 19.81 -20.86 33.88
CA GLN A 303 20.35 -20.62 32.55
C GLN A 303 20.87 -19.19 32.43
N ALA A 304 20.09 -18.24 32.92
CA ALA A 304 20.42 -16.84 32.79
C ALA A 304 21.78 -16.52 33.44
N LYS A 305 22.04 -17.11 34.60
CA LYS A 305 23.28 -16.83 35.33
C LYS A 305 24.49 -17.14 34.46
N ASN A 306 24.49 -18.33 33.87
CA ASN A 306 25.61 -18.78 33.06
C ASN A 306 25.89 -17.83 31.90
N LEU A 307 24.82 -17.37 31.24
CA LEU A 307 24.99 -16.55 30.06
C LEU A 307 25.36 -15.13 30.45
N ILE A 308 24.80 -14.65 31.56
CA ILE A 308 25.17 -13.34 32.06
C ILE A 308 26.63 -13.36 32.52
N ASP A 309 27.03 -14.44 33.20
CA ASP A 309 28.42 -14.61 33.61
C ASP A 309 29.37 -14.49 32.42
N ALA A 310 28.97 -15.04 31.29
CA ALA A 310 29.85 -15.10 30.12
C ALA A 310 30.02 -13.74 29.44
N GLY A 311 29.08 -12.83 29.66
CA GLY A 311 29.20 -11.48 29.14
C GLY A 311 28.04 -11.04 28.26
N ALA A 312 26.90 -11.69 28.40
CA ALA A 312 25.72 -11.32 27.63
C ALA A 312 25.33 -9.90 27.98
N ASP A 313 24.73 -9.20 27.03
CA ASP A 313 24.25 -7.84 27.25
C ASP A 313 22.73 -7.80 27.26
N SER A 314 22.12 -8.96 27.04
CA SER A 314 20.67 -9.09 26.99
C SER A 314 20.33 -10.57 26.86
N LEU A 315 19.07 -10.92 27.12
CA LEU A 315 18.63 -12.32 27.09
C LEU A 315 17.30 -12.50 26.37
N ARG A 316 17.22 -13.52 25.53
CA ARG A 316 15.95 -13.93 24.94
C ARG A 316 15.27 -14.89 25.88
N ILE A 317 14.03 -14.58 26.24
CA ILE A 317 13.23 -15.45 27.08
C ILE A 317 12.13 -16.09 26.25
N GLY A 318 12.13 -17.42 26.16
CA GLY A 318 11.04 -18.11 25.49
C GLY A 318 11.37 -19.46 24.87
N MET A 319 10.39 -19.98 24.11
CA MET A 319 10.44 -21.31 23.51
C MET A 319 10.62 -22.40 24.58
N CYS A 333 4.44 -26.44 25.11
CA CYS A 333 5.66 -27.24 24.98
C CYS A 333 6.66 -26.95 26.12
N GLY A 334 6.96 -25.67 26.35
CA GLY A 334 8.00 -25.28 27.29
C GLY A 334 7.46 -24.67 28.59
N ARG A 335 8.34 -24.00 29.33
CA ARG A 335 7.92 -23.33 30.56
C ARG A 335 6.95 -22.20 30.21
N PRO A 336 5.84 -22.08 30.96
CA PRO A 336 4.87 -21.01 30.67
C PRO A 336 5.51 -19.63 30.61
N GLN A 337 5.15 -18.84 29.60
CA GLN A 337 5.90 -17.65 29.28
C GLN A 337 5.81 -16.52 30.31
N ALA A 338 4.66 -16.38 30.97
CA ALA A 338 4.51 -15.27 31.91
C ALA A 338 5.45 -15.50 33.09
N THR A 339 5.42 -16.72 33.62
CA THR A 339 6.31 -17.11 34.70
C THR A 339 7.77 -16.98 34.26
N ALA A 340 8.09 -17.49 33.08
CA ALA A 340 9.46 -17.49 32.59
C ALA A 340 10.02 -16.07 32.48
N ILE A 341 9.18 -15.14 32.04
CA ILE A 341 9.63 -13.76 31.89
C ILE A 341 9.84 -13.18 33.27
N TYR A 342 8.92 -13.41 34.18
CA TYR A 342 9.05 -12.84 35.51
C TYR A 342 10.30 -13.37 36.20
N LYS A 343 10.39 -14.69 36.32
CA LYS A 343 11.48 -15.32 37.05
C LYS A 343 12.84 -14.94 36.49
N VAL A 344 12.98 -14.93 35.17
CA VAL A 344 14.27 -14.68 34.56
C VAL A 344 14.60 -13.19 34.55
N ALA A 345 13.62 -12.35 34.29
CA ALA A 345 13.87 -10.92 34.16
C ALA A 345 14.26 -10.31 35.49
N ARG A 346 13.62 -10.75 36.58
CA ARG A 346 13.91 -10.18 37.89
C ARG A 346 15.35 -10.46 38.25
N TYR A 347 15.77 -11.71 38.05
CA TYR A 347 17.13 -12.09 38.29
C TYR A 347 18.09 -11.22 37.47
N ALA A 348 17.89 -11.21 36.16
CA ALA A 348 18.79 -10.48 35.27
C ALA A 348 18.80 -8.97 35.55
N ALA A 349 17.70 -8.45 36.07
CA ALA A 349 17.62 -7.03 36.39
C ALA A 349 18.62 -6.69 37.49
N SER A 350 18.72 -7.62 38.45
CA SER A 350 19.59 -7.44 39.59
C SER A 350 21.05 -7.40 39.19
N ARG A 351 21.32 -7.83 37.96
CA ARG A 351 22.68 -7.80 37.42
C ARG A 351 22.79 -6.84 36.24
N GLY A 352 21.79 -5.97 36.08
CA GLY A 352 21.83 -4.91 35.10
C GLY A 352 21.71 -5.40 33.66
N VAL A 353 21.05 -6.54 33.47
CA VAL A 353 20.87 -7.12 32.14
C VAL A 353 19.38 -7.11 31.76
N PRO A 354 19.03 -6.47 30.63
CA PRO A 354 17.61 -6.44 30.23
C PRO A 354 17.24 -7.69 29.44
N CYS A 355 15.95 -8.02 29.39
CA CYS A 355 15.50 -9.21 28.69
C CYS A 355 14.51 -8.91 27.57
N VAL A 356 14.59 -9.72 26.52
CA VAL A 356 13.64 -9.68 25.42
C VAL A 356 12.63 -10.80 25.62
N ALA A 357 11.34 -10.46 25.51
CA ALA A 357 10.29 -11.47 25.56
C ALA A 357 10.13 -12.05 24.16
N ASP A 358 10.40 -13.35 24.02
CA ASP A 358 10.34 -14.00 22.71
C ASP A 358 9.44 -15.24 22.72
N GLY A 359 8.13 -15.03 22.71
CA GLY A 359 7.20 -16.13 22.67
C GLY A 359 5.86 -15.82 23.32
N GLY A 360 4.81 -16.47 22.83
CA GLY A 360 3.51 -16.42 23.48
C GLY A 360 2.81 -15.08 23.37
N LEU A 361 3.21 -14.28 22.38
CA LEU A 361 2.64 -12.96 22.18
C LEU A 361 1.68 -12.97 21.00
N ARG A 362 0.39 -13.06 21.30
CA ARG A 362 -0.64 -13.19 20.27
C ARG A 362 -1.38 -11.88 20.01
N ASN A 363 -1.34 -10.98 20.99
CA ASN A 363 -2.01 -9.69 20.84
C ASN A 363 -1.35 -8.62 21.68
N VAL A 364 -1.82 -7.39 21.53
CA VAL A 364 -1.25 -6.25 22.24
C VAL A 364 -1.36 -6.44 23.75
N GLY A 365 -2.41 -7.10 24.19
CA GLY A 365 -2.61 -7.39 25.61
C GLY A 365 -1.47 -8.21 26.18
N ASP A 366 -1.04 -9.25 25.45
CA ASP A 366 0.07 -10.08 25.88
C ASP A 366 1.33 -9.25 25.96
N VAL A 367 1.53 -8.40 24.96
CA VAL A 367 2.74 -7.60 24.86
C VAL A 367 2.86 -6.72 26.09
N CYS A 368 1.76 -6.06 26.44
CA CYS A 368 1.77 -5.20 27.60
C CYS A 368 2.14 -6.00 28.87
N LYS A 369 1.52 -7.15 29.05
CA LYS A 369 1.77 -7.96 30.23
C LYS A 369 3.23 -8.40 30.27
N ALA A 370 3.75 -8.86 29.14
CA ALA A 370 5.16 -9.28 29.07
C ALA A 370 6.07 -8.15 29.53
N LEU A 371 5.78 -6.93 29.10
CA LEU A 371 6.63 -5.81 29.43
C LEU A 371 6.47 -5.41 30.89
N ALA A 372 5.25 -5.56 31.41
CA ALA A 372 4.95 -5.15 32.77
C ALA A 372 5.63 -6.08 33.79
N VAL A 373 5.71 -7.36 33.49
CA VAL A 373 6.26 -8.32 34.45
C VAL A 373 7.77 -8.48 34.30
N GLY A 374 8.40 -7.67 33.45
CA GLY A 374 9.85 -7.53 33.48
C GLY A 374 10.60 -7.42 32.18
N ALA A 375 9.99 -7.83 31.07
CA ALA A 375 10.65 -7.71 29.78
C ALA A 375 10.80 -6.23 29.44
N ASN A 376 11.99 -5.84 28.98
CA ASN A 376 12.20 -4.46 28.57
C ASN A 376 11.62 -4.22 27.19
N VAL A 377 11.87 -5.17 26.30
CA VAL A 377 11.37 -5.13 24.94
C VAL A 377 10.75 -6.47 24.60
N ALA A 378 9.85 -6.45 23.62
CA ALA A 378 9.22 -7.68 23.13
C ALA A 378 9.71 -7.97 21.72
N MET A 379 9.75 -9.26 21.39
CA MET A 379 10.10 -9.68 20.05
C MET A 379 8.85 -10.18 19.34
N LEU A 380 8.49 -9.49 18.26
CA LEU A 380 7.32 -9.85 17.45
C LEU A 380 7.72 -10.74 16.28
N GLY A 381 6.90 -11.76 16.05
CA GLY A 381 7.08 -12.66 14.94
C GLY A 381 5.78 -12.85 14.19
N SER A 382 4.94 -13.75 14.69
CA SER A 382 3.65 -14.03 14.06
C SER A 382 2.79 -12.77 13.97
N MET A 383 2.89 -11.90 14.97
CA MET A 383 2.04 -10.73 15.05
C MET A 383 2.26 -9.74 13.90
N ILE A 384 3.39 -9.84 13.23
CA ILE A 384 3.69 -8.95 12.10
C ILE A 384 3.99 -9.73 10.82
N ALA A 385 3.85 -11.04 10.88
CA ALA A 385 4.02 -11.85 9.68
C ALA A 385 2.85 -11.56 8.76
N GLY A 386 3.15 -11.33 7.47
CA GLY A 386 2.14 -11.04 6.50
C GLY A 386 1.99 -9.56 6.19
N THR A 387 2.80 -8.72 6.84
CA THR A 387 2.79 -7.30 6.54
C THR A 387 3.58 -7.05 5.26
N SER A 388 3.40 -5.85 4.69
CA SER A 388 3.97 -5.51 3.39
C SER A 388 5.48 -5.69 3.37
N GLU A 389 6.12 -5.40 4.50
CA GLU A 389 7.58 -5.35 4.56
C GLU A 389 8.24 -6.70 4.78
N THR A 390 7.47 -7.74 5.06
CA THR A 390 8.06 -9.05 5.29
C THR A 390 8.43 -9.65 3.95
N PRO A 391 9.47 -10.49 3.92
CA PRO A 391 9.87 -11.12 2.67
C PRO A 391 8.78 -12.06 2.13
N GLY A 392 8.87 -12.40 0.84
CA GLY A 392 7.88 -13.23 0.19
C GLY A 392 7.01 -12.42 -0.74
N GLU A 393 6.30 -13.09 -1.63
CA GLU A 393 5.41 -12.43 -2.59
C GLU A 393 3.97 -12.63 -2.19
N TYR A 394 3.13 -11.67 -2.57
CA TYR A 394 1.69 -11.79 -2.34
C TYR A 394 1.04 -12.64 -3.43
N PHE A 395 -0.08 -13.29 -3.09
CA PHE A 395 -0.87 -14.01 -4.07
C PHE A 395 -2.33 -14.08 -3.62
N PHE A 396 -3.22 -14.40 -4.56
CA PHE A 396 -4.65 -14.43 -4.26
C PHE A 396 -5.19 -15.85 -4.21
N LYS A 397 -6.22 -16.05 -3.39
CA LYS A 397 -6.92 -17.32 -3.28
C LYS A 397 -8.20 -17.13 -2.49
N ASP A 398 -9.33 -17.58 -3.03
CA ASP A 398 -10.61 -17.55 -2.33
C ASP A 398 -11.03 -16.12 -1.95
N GLY A 399 -10.57 -15.15 -2.72
CA GLY A 399 -10.89 -13.75 -2.46
C GLY A 399 -10.12 -13.18 -1.29
N MET A 400 -8.96 -13.76 -1.02
CA MET A 400 -8.08 -13.32 0.05
C MET A 400 -6.70 -13.00 -0.52
N ARG A 401 -6.05 -11.98 0.05
CA ARG A 401 -4.67 -11.67 -0.30
C ARG A 401 -3.78 -12.32 0.74
N LEU A 402 -2.73 -12.99 0.28
CA LEU A 402 -1.90 -13.82 1.17
C LEU A 402 -0.41 -13.71 0.81
N LYS A 403 0.46 -14.07 1.74
CA LYS A 403 1.91 -14.13 1.49
C LYS A 403 2.46 -15.55 1.57
N GLY A 404 3.48 -15.84 0.77
CA GLY A 404 4.15 -17.13 0.77
C GLY A 404 5.67 -16.98 0.77
N GLY A 439 1.88 -23.12 4.54
CA GLY A 439 2.46 -21.98 5.23
C GLY A 439 2.09 -20.68 4.55
N ALA A 440 0.98 -20.07 4.99
CA ALA A 440 0.50 -18.83 4.41
C ALA A 440 -0.25 -18.00 5.45
N VAL A 441 -0.22 -16.69 5.28
CA VAL A 441 -0.85 -15.77 6.22
C VAL A 441 -1.48 -14.58 5.48
N LEU A 442 -2.45 -13.94 6.11
CA LEU A 442 -3.19 -12.85 5.49
C LEU A 442 -2.38 -11.56 5.38
N ASP A 443 -2.70 -10.76 4.36
CA ASP A 443 -2.14 -9.42 4.24
C ASP A 443 -2.56 -8.61 5.46
N LYS A 444 -1.58 -7.98 6.11
CA LYS A 444 -1.83 -7.17 7.30
C LYS A 444 -1.51 -5.70 7.03
N GLY A 445 -1.27 -5.37 5.78
CA GLY A 445 -0.93 -4.02 5.40
C GLY A 445 0.49 -3.68 5.78
N SER A 446 0.81 -2.39 5.80
CA SER A 446 2.15 -1.96 6.14
C SER A 446 2.37 -2.12 7.63
N VAL A 447 3.55 -2.62 7.99
CA VAL A 447 3.88 -2.82 9.40
C VAL A 447 3.95 -1.47 10.12
N LEU A 448 4.22 -0.41 9.38
CA LEU A 448 4.33 0.92 9.96
C LEU A 448 3.02 1.35 10.60
N LYS A 449 1.91 0.98 9.97
CA LYS A 449 0.59 1.30 10.53
C LYS A 449 0.31 0.40 11.71
N LEU A 450 0.72 -0.86 11.58
CA LEU A 450 0.54 -1.85 12.63
C LEU A 450 1.33 -1.50 13.88
N LEU A 451 2.58 -1.05 13.71
CA LEU A 451 3.43 -0.69 14.84
C LEU A 451 2.85 0.50 15.59
N ALA A 452 2.29 1.46 14.86
CA ALA A 452 1.67 2.62 15.47
C ALA A 452 0.45 2.20 16.28
N TYR A 453 -0.18 1.11 15.87
CA TYR A 453 -1.37 0.60 16.54
C TYR A 453 -0.99 -0.04 17.87
N ILE A 454 0.05 -0.87 17.83
CA ILE A 454 0.59 -1.51 19.03
C ILE A 454 1.12 -0.47 19.99
N HIS A 455 1.76 0.57 19.45
CA HIS A 455 2.27 1.66 20.26
C HIS A 455 1.13 2.29 21.05
N LYS A 456 0.13 2.80 20.34
CA LYS A 456 -1.01 3.46 20.98
C LYS A 456 -1.71 2.51 21.96
N GLY A 457 -1.60 1.22 21.68
CA GLY A 457 -2.18 0.20 22.54
C GLY A 457 -1.43 0.07 23.84
N LEU A 458 -0.11 0.17 23.78
CA LEU A 458 0.69 0.10 25.00
C LEU A 458 0.46 1.35 25.85
N GLN A 459 0.36 2.50 25.19
CA GLN A 459 0.13 3.76 25.90
C GLN A 459 -1.21 3.74 26.62
N GLN A 460 -2.22 3.17 25.99
CA GLN A 460 -3.55 3.09 26.59
C GLN A 460 -3.51 2.15 27.78
N SER A 461 -2.76 1.05 27.64
CA SER A 461 -2.66 0.07 28.71
C SER A 461 -1.93 0.64 29.92
N ALA A 462 -0.80 1.31 29.66
CA ALA A 462 -0.03 1.93 30.72
C ALA A 462 -0.84 2.96 31.46
N GLN A 463 -1.68 3.69 30.72
CA GLN A 463 -2.50 4.73 31.34
C GLN A 463 -3.48 4.12 32.34
N ASP A 464 -4.00 2.95 32.00
CA ASP A 464 -4.98 2.28 32.84
C ASP A 464 -4.31 1.84 34.13
N ILE A 465 -3.06 1.43 34.02
CA ILE A 465 -2.30 0.95 35.16
C ILE A 465 -1.89 2.13 36.03
N GLY A 466 -1.84 3.32 35.43
CA GLY A 466 -1.64 4.55 36.18
C GLY A 466 -0.22 5.08 36.25
N GLU A 467 0.63 4.66 35.31
CA GLU A 467 2.01 5.13 35.24
C GLU A 467 2.38 5.66 33.85
N VAL A 468 3.20 6.71 33.82
CA VAL A 468 3.56 7.39 32.57
C VAL A 468 4.76 6.79 31.84
N SER A 469 5.29 5.70 32.36
CA SER A 469 6.36 4.99 31.65
C SER A 469 6.32 3.53 31.99
N PHE A 470 6.91 2.70 31.14
CA PHE A 470 6.97 1.28 31.41
C PHE A 470 8.15 0.97 32.32
N ASP A 471 9.16 1.83 32.32
CA ASP A 471 10.23 1.69 33.30
C ASP A 471 9.61 1.81 34.69
N ALA A 472 8.67 2.74 34.82
CA ALA A 472 7.99 2.98 36.08
C ALA A 472 7.18 1.76 36.48
N ILE A 473 6.48 1.16 35.51
CA ILE A 473 5.62 0.04 35.78
C ILE A 473 6.45 -1.15 36.25
N ARG A 474 7.52 -1.44 35.53
CA ARG A 474 8.43 -2.51 35.91
C ARG A 474 8.91 -2.31 37.34
N GLU A 475 9.36 -1.10 37.63
CA GLU A 475 9.86 -0.74 38.96
C GLU A 475 8.81 -1.00 40.05
N LYS A 476 7.61 -0.48 39.84
CA LYS A 476 6.57 -0.56 40.86
C LYS A 476 5.93 -1.94 40.97
N VAL A 477 6.19 -2.80 39.99
CA VAL A 477 5.74 -4.19 40.08
C VAL A 477 6.60 -4.89 41.13
N TYR A 478 7.90 -4.66 41.04
CA TYR A 478 8.86 -5.22 41.99
C TYR A 478 8.65 -4.62 43.37
N GLU A 479 8.11 -3.40 43.41
CA GLU A 479 7.92 -2.68 44.65
C GLU A 479 6.57 -3.02 45.28
N GLY A 480 5.72 -3.69 44.52
CA GLY A 480 4.43 -4.12 45.03
C GLY A 480 3.38 -3.04 44.95
N GLN A 481 3.68 -1.97 44.24
CA GLN A 481 2.75 -0.85 44.10
C GLN A 481 1.90 -0.99 42.84
N VAL A 482 2.28 -1.93 41.97
CA VAL A 482 1.41 -2.34 40.86
C VAL A 482 0.99 -3.78 41.12
N LEU A 483 -0.32 -4.00 41.12
CA LEU A 483 -0.88 -5.25 41.60
C LEU A 483 -1.65 -6.00 40.53
N PHE A 484 -1.73 -7.31 40.71
CA PHE A 484 -2.37 -8.19 39.76
C PHE A 484 -3.50 -8.94 40.41
N ASN A 485 -4.17 -9.74 39.61
CA ASN A 485 -5.21 -10.63 40.10
C ASN A 485 -5.24 -11.83 39.21
N ARG A 486 -5.01 -13.00 39.79
CA ARG A 486 -5.14 -14.23 39.05
C ARG A 486 -6.60 -14.45 38.73
N ARG A 487 -6.87 -15.15 37.64
CA ARG A 487 -8.23 -15.42 37.20
C ARG A 487 -8.56 -16.90 37.22
N THR A 488 -9.76 -17.24 37.71
CA THR A 488 -10.26 -18.61 37.59
C THR A 488 -10.52 -18.89 36.13
N LEU A 489 -10.47 -20.16 35.75
CA LEU A 489 -10.72 -20.53 34.36
C LEU A 489 -12.15 -20.17 33.96
N THR A 490 -13.04 -20.17 34.95
CA THR A 490 -14.41 -19.73 34.73
C THR A 490 -14.50 -18.23 34.45
N ALA A 491 -13.61 -17.46 35.07
CA ALA A 491 -13.63 -16.01 34.92
C ALA A 491 -12.97 -15.60 33.62
N GLN A 492 -12.23 -16.52 33.03
CA GLN A 492 -11.60 -16.31 31.72
C GLN A 492 -12.59 -16.47 30.57
N SER A 493 -13.59 -17.34 30.78
CA SER A 493 -14.60 -17.62 29.77
C SER A 493 -15.73 -16.59 29.78
N GLU A 494 -15.36 -15.31 29.81
CA GLU A 494 -16.33 -14.22 29.89
C GLU A 494 -17.30 -14.42 31.07
N ASN B 3 -5.44 -22.29 -39.34
CA ASN B 3 -5.74 -23.34 -38.38
C ASN B 3 -7.23 -23.63 -38.23
N THR B 4 -8.05 -22.99 -39.06
CA THR B 4 -9.51 -23.09 -38.96
C THR B 4 -9.98 -24.54 -38.98
N ASN B 5 -9.27 -25.38 -39.73
CA ASN B 5 -9.61 -26.80 -39.81
C ASN B 5 -9.51 -27.46 -38.44
N LEU B 6 -8.49 -27.07 -37.67
CA LEU B 6 -8.26 -27.65 -36.35
C LEU B 6 -9.13 -27.02 -35.27
N ARG B 7 -9.48 -25.75 -35.45
CA ARG B 7 -10.29 -25.03 -34.46
C ARG B 7 -11.78 -25.33 -34.56
N THR B 8 -12.32 -25.39 -35.77
CA THR B 8 -13.78 -25.52 -35.90
C THR B 8 -14.21 -26.96 -35.63
N LYS B 9 -15.29 -27.09 -34.87
CA LYS B 9 -15.79 -28.39 -34.45
C LYS B 9 -16.79 -28.96 -35.46
N THR B 10 -16.61 -30.24 -35.77
CA THR B 10 -17.56 -30.97 -36.60
C THR B 10 -18.30 -32.00 -35.75
N LEU B 11 -17.54 -32.80 -34.99
CA LEU B 11 -18.14 -33.73 -34.05
C LEU B 11 -19.04 -33.00 -33.05
N ARG B 12 -18.57 -31.85 -32.58
CA ARG B 12 -19.34 -31.01 -31.66
C ARG B 12 -19.83 -31.82 -30.46
N ASP B 13 -18.89 -32.41 -29.75
CA ASP B 13 -19.18 -33.16 -28.54
C ASP B 13 -19.37 -32.21 -27.35
N GLY B 14 -20.64 -31.99 -27.00
CA GLY B 14 -20.98 -31.08 -25.92
C GLY B 14 -22.36 -30.46 -26.10
N THR B 15 -22.89 -29.87 -25.05
CA THR B 15 -24.17 -29.19 -25.10
C THR B 15 -24.04 -27.77 -25.64
N THR B 16 -24.98 -27.38 -26.49
CA THR B 16 -25.03 -26.02 -26.97
C THR B 16 -25.65 -25.15 -25.86
N ALA B 17 -25.40 -23.85 -25.88
CA ALA B 17 -25.93 -22.97 -24.84
C ALA B 17 -27.45 -22.89 -24.85
N GLU B 18 -28.05 -22.84 -26.05
CA GLU B 18 -29.50 -22.75 -26.18
C GLU B 18 -30.16 -23.95 -25.51
N GLU B 19 -29.46 -25.07 -25.56
CA GLU B 19 -29.99 -26.32 -25.03
C GLU B 19 -29.76 -26.37 -23.52
N LEU B 20 -28.61 -25.86 -23.10
CA LEU B 20 -28.23 -25.89 -21.70
C LEU B 20 -29.22 -25.15 -20.81
N PHE B 21 -29.68 -24.00 -21.31
CA PHE B 21 -30.55 -23.13 -20.54
C PHE B 21 -32.03 -23.31 -20.89
N SER B 22 -32.36 -24.43 -21.52
CA SER B 22 -33.72 -24.67 -22.01
C SER B 22 -34.64 -25.27 -20.93
N GLN B 23 -34.12 -25.42 -19.72
CA GLN B 23 -34.87 -26.09 -18.67
C GLN B 23 -34.77 -25.34 -17.34
N ASP B 24 -34.17 -25.97 -16.32
CA ASP B 24 -34.03 -25.37 -14.99
C ASP B 24 -33.37 -24.00 -15.06
N GLY B 25 -33.64 -23.17 -14.06
CA GLY B 25 -32.85 -21.98 -13.84
C GLY B 25 -31.52 -22.41 -13.27
N LEU B 26 -30.43 -22.03 -13.94
CA LEU B 26 -29.10 -22.50 -13.56
C LEU B 26 -28.25 -21.47 -12.83
N SER B 27 -27.40 -21.99 -11.95
CA SER B 27 -26.30 -21.24 -11.37
C SER B 27 -25.09 -21.40 -12.26
N PHE B 28 -24.05 -20.60 -12.03
CA PHE B 28 -22.82 -20.77 -12.78
C PHE B 28 -22.15 -22.10 -12.45
N ASN B 29 -22.43 -22.60 -11.25
CA ASN B 29 -21.85 -23.84 -10.79
C ASN B 29 -22.46 -25.05 -11.47
N ASP B 30 -23.65 -24.86 -12.04
CA ASP B 30 -24.38 -25.97 -12.63
C ASP B 30 -23.75 -26.45 -13.93
N PHE B 31 -22.77 -25.70 -14.44
CA PHE B 31 -22.17 -26.05 -15.72
C PHE B 31 -20.71 -25.64 -15.82
N ILE B 32 -20.04 -26.20 -16.82
CA ILE B 32 -18.67 -25.84 -17.14
C ILE B 32 -18.56 -25.65 -18.65
N ILE B 33 -17.59 -24.84 -19.08
CA ILE B 33 -17.34 -24.62 -20.49
C ILE B 33 -16.28 -25.58 -20.98
N LEU B 34 -16.59 -26.34 -22.02
CA LEU B 34 -15.67 -27.33 -22.55
C LEU B 34 -14.53 -26.65 -23.32
N PRO B 35 -13.32 -27.22 -23.24
CA PRO B 35 -12.14 -26.61 -23.85
C PRO B 35 -12.17 -26.69 -25.37
N GLY B 36 -11.42 -25.82 -26.03
CA GLY B 36 -11.31 -25.84 -27.48
C GLY B 36 -9.92 -26.17 -27.97
N PHE B 37 -9.44 -25.37 -28.92
CA PHE B 37 -8.14 -25.56 -29.53
C PHE B 37 -7.26 -24.33 -29.38
N ILE B 38 -6.01 -24.54 -28.98
CA ILE B 38 -5.10 -23.46 -28.64
C ILE B 38 -3.95 -23.31 -29.63
N ASP B 39 -3.86 -22.13 -30.24
CA ASP B 39 -2.73 -21.78 -31.11
C ASP B 39 -2.24 -20.37 -30.83
N PHE B 40 -2.22 -20.00 -29.55
CA PHE B 40 -1.81 -18.66 -29.14
C PHE B 40 -1.51 -18.58 -27.66
N ASP B 41 -0.65 -17.65 -27.28
CA ASP B 41 -0.36 -17.35 -25.88
C ASP B 41 -1.52 -16.55 -25.26
N SER B 42 -1.84 -16.84 -24.00
CA SER B 42 -2.93 -16.17 -23.30
C SER B 42 -2.76 -14.66 -23.22
N SER B 43 -1.52 -14.19 -23.32
CA SER B 43 -1.25 -12.75 -23.25
C SER B 43 -1.91 -11.98 -24.39
N LYS B 44 -2.25 -12.68 -25.47
CA LYS B 44 -2.80 -12.03 -26.66
C LYS B 44 -4.34 -11.97 -26.65
N VAL B 45 -4.95 -12.50 -25.60
CA VAL B 45 -6.41 -12.56 -25.53
C VAL B 45 -7.02 -11.18 -25.29
N ASN B 46 -8.09 -10.89 -26.04
CA ASN B 46 -8.78 -9.61 -25.96
C ASN B 46 -10.07 -9.74 -25.17
N VAL B 47 -10.03 -9.30 -23.92
CA VAL B 47 -11.15 -9.46 -23.01
C VAL B 47 -12.17 -8.32 -23.09
N SER B 48 -12.03 -7.43 -24.08
CA SER B 48 -12.86 -6.21 -24.12
C SER B 48 -14.34 -6.53 -24.27
N GLY B 49 -15.18 -5.56 -23.89
CA GLY B 49 -16.61 -5.70 -23.99
C GLY B 49 -17.30 -4.34 -23.99
N GLN B 50 -18.51 -4.29 -24.53
CA GLN B 50 -19.26 -3.04 -24.62
C GLN B 50 -20.00 -2.73 -23.32
N PHE B 51 -19.64 -1.63 -22.67
CA PHE B 51 -20.36 -1.18 -21.48
C PHE B 51 -21.72 -0.67 -21.91
N THR B 52 -21.70 0.06 -23.02
CA THR B 52 -22.89 0.63 -23.61
C THR B 52 -22.74 0.56 -25.12
N LYS B 53 -23.67 1.12 -25.86
CA LYS B 53 -23.62 1.02 -27.30
C LYS B 53 -22.35 1.69 -27.86
N ASN B 54 -21.96 2.82 -27.27
CA ASN B 54 -20.84 3.59 -27.79
C ASN B 54 -19.56 3.47 -26.97
N ILE B 55 -19.64 2.91 -25.78
CA ILE B 55 -18.47 2.76 -24.92
C ILE B 55 -17.98 1.33 -24.87
N LEU B 56 -16.71 1.17 -25.25
CA LEU B 56 -16.04 -0.12 -25.25
C LEU B 56 -14.98 -0.13 -24.17
N LEU B 57 -15.15 -0.99 -23.17
CA LEU B 57 -14.15 -1.10 -22.11
C LEU B 57 -13.09 -2.11 -22.48
N HIS B 58 -11.84 -1.68 -22.41
CA HIS B 58 -10.70 -2.57 -22.62
C HIS B 58 -10.72 -3.69 -21.60
N LEU B 59 -11.08 -3.31 -20.37
CA LEU B 59 -11.22 -4.25 -19.28
C LEU B 59 -12.70 -4.37 -18.95
N PRO B 60 -13.32 -5.55 -19.16
CA PRO B 60 -14.76 -5.69 -19.02
C PRO B 60 -15.23 -5.66 -17.56
N LEU B 61 -14.71 -4.71 -16.80
CA LEU B 61 -15.01 -4.62 -15.38
C LEU B 61 -15.54 -3.24 -14.98
N VAL B 62 -16.67 -3.27 -14.28
CA VAL B 62 -17.32 -2.08 -13.76
C VAL B 62 -17.44 -2.22 -12.24
N SER B 63 -17.10 -1.17 -11.50
CA SER B 63 -17.26 -1.22 -10.04
C SER B 63 -18.70 -0.88 -9.67
N SER B 64 -19.25 -1.65 -8.73
CA SER B 64 -20.64 -1.49 -8.33
C SER B 64 -20.89 -0.10 -7.73
N PRO B 65 -22.10 0.45 -7.91
CA PRO B 65 -22.38 1.75 -7.30
C PRO B 65 -22.95 1.60 -5.90
N MET B 66 -22.09 1.14 -5.00
CA MET B 66 -22.43 1.00 -3.59
C MET B 66 -21.58 1.96 -2.77
N ASP B 67 -22.14 2.46 -1.67
CA ASP B 67 -21.44 3.43 -0.82
C ASP B 67 -20.21 2.81 -0.13
N THR B 68 -20.12 1.48 -0.20
CA THR B 68 -18.98 0.75 0.36
C THR B 68 -17.90 0.37 -0.68
N VAL B 69 -18.11 0.72 -1.94
CA VAL B 69 -17.20 0.29 -3.01
C VAL B 69 -16.71 1.42 -3.91
N THR B 70 -17.61 2.20 -4.51
CA THR B 70 -17.20 3.15 -5.53
C THR B 70 -17.46 4.60 -5.16
N GLU B 71 -16.40 5.30 -4.79
CA GLU B 71 -16.38 6.76 -4.78
C GLU B 71 -15.20 7.17 -5.65
N SER B 72 -14.91 8.47 -5.68
CA SER B 72 -13.89 9.05 -6.56
C SER B 72 -12.61 8.21 -6.71
N SER B 73 -12.12 7.68 -5.60
CA SER B 73 -10.86 6.94 -5.59
C SER B 73 -10.95 5.65 -6.41
N MET B 74 -12.00 4.88 -6.17
CA MET B 74 -12.23 3.63 -6.90
C MET B 74 -12.50 3.90 -8.38
N ALA B 75 -13.33 4.88 -8.67
CA ALA B 75 -13.71 5.20 -10.04
C ALA B 75 -12.49 5.57 -10.87
N ARG B 76 -11.53 6.25 -10.23
CA ARG B 76 -10.25 6.56 -10.86
C ARG B 76 -9.50 5.29 -11.22
N ALA B 77 -9.34 4.41 -10.23
CA ALA B 77 -8.59 3.17 -10.40
C ALA B 77 -9.15 2.31 -11.54
N MET B 78 -10.49 2.17 -11.57
CA MET B 78 -11.15 1.36 -12.57
C MET B 78 -10.86 1.87 -13.97
N ALA B 79 -11.01 3.18 -14.17
CA ALA B 79 -10.81 3.77 -15.48
C ALA B 79 -9.37 3.67 -15.92
N LEU B 80 -8.44 3.78 -14.97
CA LEU B 80 -7.01 3.71 -15.30
C LEU B 80 -6.63 2.33 -15.82
N MET B 81 -7.28 1.30 -15.28
CA MET B 81 -6.96 -0.07 -15.66
C MET B 81 -7.69 -0.52 -16.92
N GLY B 82 -8.70 0.26 -17.34
CA GLY B 82 -9.39 0.02 -18.60
C GLY B 82 -10.86 -0.27 -18.42
N GLY B 83 -11.28 -0.39 -17.16
CA GLY B 83 -12.69 -0.55 -16.84
C GLY B 83 -13.33 0.80 -16.61
N ILE B 84 -14.26 0.84 -15.66
CA ILE B 84 -14.96 2.08 -15.32
C ILE B 84 -15.60 1.97 -13.95
N GLY B 85 -15.92 3.10 -13.35
CA GLY B 85 -16.61 3.11 -12.07
C GLY B 85 -17.95 3.79 -12.14
N VAL B 86 -18.86 3.38 -11.27
CA VAL B 86 -20.16 4.02 -11.13
C VAL B 86 -20.28 4.57 -9.73
N ILE B 87 -20.18 5.88 -9.60
CA ILE B 87 -20.26 6.52 -8.29
C ILE B 87 -21.65 6.32 -7.72
N HIS B 88 -21.70 5.82 -6.48
CA HIS B 88 -22.96 5.53 -5.82
C HIS B 88 -23.78 6.80 -5.68
N ASN B 89 -25.07 6.64 -5.38
CA ASN B 89 -26.00 7.77 -5.31
C ASN B 89 -26.56 7.96 -3.92
N ASN B 90 -25.86 7.42 -2.92
CA ASN B 90 -26.22 7.59 -1.53
C ASN B 90 -25.50 8.79 -0.91
N CYS B 91 -25.91 9.97 -1.35
CA CYS B 91 -25.22 11.21 -1.01
C CYS B 91 -25.97 12.37 -1.62
N THR B 92 -25.66 13.59 -1.19
CA THR B 92 -26.30 14.76 -1.75
C THR B 92 -25.89 14.91 -3.21
N VAL B 93 -26.69 15.66 -3.96
CA VAL B 93 -26.38 15.92 -5.35
C VAL B 93 -25.03 16.60 -5.46
N GLU B 94 -24.74 17.47 -4.49
CA GLU B 94 -23.50 18.24 -4.47
C GLU B 94 -22.32 17.31 -4.22
N GLN B 95 -22.47 16.40 -3.27
CA GLN B 95 -21.42 15.45 -2.97
C GLN B 95 -21.11 14.58 -4.19
N GLN B 96 -22.14 13.98 -4.78
CA GLN B 96 -21.92 13.07 -5.89
C GLN B 96 -21.25 13.76 -7.08
N ALA B 97 -21.63 15.00 -7.36
CA ALA B 97 -21.04 15.74 -8.47
C ALA B 97 -19.61 16.13 -8.16
N ARG B 98 -19.36 16.42 -6.89
CA ARG B 98 -18.01 16.72 -6.42
C ARG B 98 -17.09 15.53 -6.70
N MET B 99 -17.64 14.32 -6.54
CA MET B 99 -16.89 13.08 -6.78
C MET B 99 -16.66 12.83 -8.27
N VAL B 100 -17.60 13.23 -9.10
CA VAL B 100 -17.44 13.08 -10.55
C VAL B 100 -16.33 13.98 -11.06
N ARG B 101 -16.40 15.27 -10.73
CA ARG B 101 -15.36 16.22 -11.11
C ARG B 101 -13.99 15.68 -10.70
N SER B 102 -13.96 15.06 -9.53
CA SER B 102 -12.73 14.54 -8.98
C SER B 102 -12.15 13.41 -9.81
N VAL B 103 -13.01 12.67 -10.51
CA VAL B 103 -12.55 11.60 -11.40
C VAL B 103 -12.21 12.13 -12.78
N LYS B 104 -13.07 13.01 -13.31
CA LYS B 104 -12.87 13.54 -14.65
C LYS B 104 -11.55 14.31 -14.75
N LEU B 105 -11.26 15.15 -13.75
CA LEU B 105 -10.12 16.05 -13.81
C LEU B 105 -8.82 15.48 -13.21
N TYR B 106 -8.84 14.22 -12.79
CA TYR B 106 -7.63 13.57 -12.30
C TYR B 106 -6.58 13.47 -13.40
N ARG B 107 -6.99 12.98 -14.57
CA ARG B 107 -6.10 12.91 -15.72
C ARG B 107 -6.58 13.90 -16.79
N ASN B 108 -5.67 14.76 -17.23
CA ASN B 108 -5.95 15.76 -18.26
C ASN B 108 -4.93 15.68 -19.38
N GLY B 109 -5.24 16.34 -20.49
CA GLY B 109 -4.22 16.72 -21.45
C GLY B 109 -3.74 18.10 -21.02
N PHE B 110 -4.50 19.12 -21.41
CA PHE B 110 -4.34 20.47 -20.87
C PHE B 110 -5.26 20.63 -19.67
N ILE B 111 -4.71 21.17 -18.58
CA ILE B 111 -5.49 21.44 -17.38
C ILE B 111 -6.04 22.86 -17.47
N MET B 112 -7.37 22.99 -17.52
CA MET B 112 -7.99 24.25 -17.92
C MET B 112 -8.22 25.24 -16.78
N LYS B 113 -8.64 24.74 -15.61
CA LYS B 113 -8.83 25.60 -14.46
C LYS B 113 -7.87 25.19 -13.35
N PRO B 114 -6.57 25.37 -13.58
CA PRO B 114 -5.57 24.92 -12.62
C PRO B 114 -5.79 25.54 -11.24
N LYS B 115 -5.50 24.77 -10.20
CA LYS B 115 -5.69 25.22 -8.84
C LYS B 115 -4.74 26.37 -8.57
N SER B 116 -5.29 27.52 -8.18
CA SER B 116 -4.49 28.71 -7.97
C SER B 116 -4.77 29.33 -6.61
N VAL B 117 -3.76 30.04 -6.10
CA VAL B 117 -3.89 30.79 -4.86
C VAL B 117 -3.23 32.16 -5.04
N SER B 118 -3.54 33.09 -4.14
CA SER B 118 -2.88 34.39 -4.13
C SER B 118 -1.59 34.32 -3.31
N PRO B 119 -0.74 35.36 -3.41
CA PRO B 119 0.51 35.38 -2.64
C PRO B 119 0.31 35.49 -1.12
N ASP B 120 -0.84 36.02 -0.71
CA ASP B 120 -1.15 36.18 0.72
C ASP B 120 -1.29 34.82 1.40
N VAL B 121 -1.89 33.89 0.67
CA VAL B 121 -2.16 32.54 1.16
C VAL B 121 -0.92 31.95 1.84
N PRO B 122 -1.10 31.35 3.03
CA PRO B 122 0.05 30.80 3.74
C PRO B 122 0.47 29.43 3.21
N VAL B 123 1.65 28.98 3.63
CA VAL B 123 2.17 27.69 3.24
C VAL B 123 1.26 26.58 3.75
N SER B 124 0.65 26.80 4.92
CA SER B 124 -0.26 25.82 5.52
C SER B 124 -1.38 25.42 4.55
N THR B 125 -1.95 26.39 3.85
CA THR B 125 -3.05 26.14 2.92
C THR B 125 -2.65 25.15 1.81
N ILE B 126 -1.43 25.29 1.31
CA ILE B 126 -0.97 24.43 0.22
C ILE B 126 -0.71 23.02 0.73
N ARG B 127 -0.37 22.90 2.00
CA ARG B 127 -0.13 21.59 2.60
C ARG B 127 -1.45 20.86 2.79
N ASN B 128 -2.54 21.62 2.91
CA ASN B 128 -3.88 21.03 3.04
C ASN B 128 -4.41 20.55 1.68
N ILE B 129 -3.97 21.22 0.62
CA ILE B 129 -4.43 20.88 -0.72
C ILE B 129 -3.80 19.57 -1.20
N LYS B 130 -2.56 19.32 -0.82
CA LYS B 130 -1.91 18.08 -1.23
C LYS B 130 -2.48 16.89 -0.44
N SER B 131 -3.01 17.16 0.73
CA SER B 131 -3.61 16.11 1.56
C SER B 131 -5.04 15.79 1.14
N GLU B 132 -5.75 16.79 0.62
CA GLU B 132 -7.17 16.64 0.27
C GLU B 132 -7.40 16.36 -1.22
N LYS B 133 -6.84 17.20 -2.08
CA LYS B 133 -7.04 17.06 -3.52
C LYS B 133 -6.00 16.12 -4.15
N GLY B 134 -4.81 16.09 -3.55
CA GLY B 134 -3.77 15.16 -3.98
C GLY B 134 -2.87 15.70 -5.09
N ILE B 135 -2.85 17.02 -5.25
CA ILE B 135 -2.12 17.66 -6.34
C ILE B 135 -1.10 18.69 -5.83
N SER B 136 -0.14 19.02 -6.69
CA SER B 136 0.82 20.08 -6.40
C SER B 136 0.89 21.03 -7.59
N GLY B 137 2.02 21.72 -7.70
CA GLY B 137 2.23 22.66 -8.77
C GLY B 137 1.18 23.76 -8.75
N ILE B 138 0.74 24.12 -7.54
CA ILE B 138 -0.26 25.17 -7.38
C ILE B 138 0.31 26.49 -7.89
N LEU B 139 -0.38 27.08 -8.85
CA LEU B 139 0.02 28.36 -9.40
C LEU B 139 -0.32 29.50 -8.44
N VAL B 140 0.63 30.43 -8.28
CA VAL B 140 0.37 31.66 -7.54
C VAL B 140 0.08 32.75 -8.56
N THR B 141 -1.16 33.22 -8.59
CA THR B 141 -1.59 34.21 -9.57
C THR B 141 -2.16 35.44 -8.88
N GLU B 142 -2.31 36.51 -9.66
CA GLU B 142 -2.88 37.74 -9.17
C GLU B 142 -4.35 37.52 -8.78
N GLY B 143 -4.65 37.68 -7.49
CA GLY B 143 -6.01 37.55 -6.99
C GLY B 143 -6.46 36.14 -6.77
N GLY B 144 -5.58 35.18 -7.03
CA GLY B 144 -5.90 33.77 -6.86
C GLY B 144 -6.71 33.22 -8.02
N LYS B 145 -7.11 34.11 -8.94
CA LYS B 145 -7.87 33.72 -10.11
C LYS B 145 -7.08 32.71 -10.92
N TYR B 146 -7.73 31.64 -11.35
CA TYR B 146 -7.07 30.58 -12.10
C TYR B 146 -6.66 31.02 -13.51
N ASP B 147 -7.02 32.25 -13.89
CA ASP B 147 -6.64 32.82 -15.18
C ASP B 147 -6.10 34.24 -15.00
N GLY B 148 -5.44 34.48 -13.88
CA GLY B 148 -4.86 35.79 -13.58
C GLY B 148 -3.43 35.89 -14.05
N LYS B 149 -2.78 37.01 -13.71
CA LYS B 149 -1.37 37.19 -14.03
C LYS B 149 -0.52 36.21 -13.23
N LEU B 150 0.36 35.48 -13.90
CA LEU B 150 1.18 34.48 -13.23
C LEU B 150 2.35 35.10 -12.47
N LEU B 151 2.38 34.86 -11.16
CA LEU B 151 3.43 35.38 -10.29
C LEU B 151 4.48 34.32 -9.98
N GLY B 152 4.03 33.09 -9.75
CA GLY B 152 4.94 31.99 -9.46
C GLY B 152 4.26 30.65 -9.36
N ILE B 153 4.98 29.67 -8.83
CA ILE B 153 4.46 28.31 -8.67
C ILE B 153 5.01 27.67 -7.39
N VAL B 154 4.15 26.96 -6.67
CA VAL B 154 4.55 26.27 -5.45
C VAL B 154 4.54 24.75 -5.65
N CYS B 155 5.64 24.11 -5.28
CA CYS B 155 5.76 22.66 -5.37
C CYS B 155 6.24 22.07 -4.05
N THR B 156 6.57 20.78 -4.03
CA THR B 156 6.89 20.09 -2.79
C THR B 156 8.19 20.56 -2.18
N LYS B 157 9.24 20.62 -3.00
CA LYS B 157 10.57 20.95 -2.49
C LYS B 157 10.68 22.43 -2.10
N ASP B 158 9.64 23.19 -2.39
CA ASP B 158 9.59 24.61 -2.04
C ASP B 158 9.22 24.85 -0.58
N ILE B 159 8.45 23.93 0.00
CA ILE B 159 7.85 24.18 1.31
C ILE B 159 7.95 23.03 2.32
N ASP B 160 8.71 21.98 2.00
CA ASP B 160 8.83 20.86 2.92
C ASP B 160 9.75 21.21 4.10
N PHE B 161 10.71 22.10 3.88
CA PHE B 161 11.66 22.48 4.91
C PHE B 161 11.15 23.64 5.79
N VAL B 162 10.11 24.34 5.32
CA VAL B 162 9.58 25.48 6.03
C VAL B 162 8.97 25.04 7.36
N LYS B 163 9.28 25.79 8.42
CA LYS B 163 8.77 25.50 9.75
C LYS B 163 7.55 26.35 10.08
N ASP B 164 7.64 27.64 9.78
CA ASP B 164 6.51 28.56 9.96
C ASP B 164 5.52 28.41 8.81
N ALA B 165 4.44 27.69 9.05
CA ALA B 165 3.44 27.43 8.02
C ALA B 165 2.57 28.64 7.73
N SER B 166 2.74 29.72 8.50
CA SER B 166 1.97 30.95 8.32
C SER B 166 2.59 31.85 7.25
N ALA B 167 3.86 31.60 6.93
CA ALA B 167 4.60 32.39 5.95
C ALA B 167 3.85 32.43 4.63
N PRO B 168 3.78 33.62 3.99
CA PRO B 168 3.08 33.64 2.70
C PRO B 168 3.81 32.79 1.66
N VAL B 169 3.10 32.40 0.61
CA VAL B 169 3.69 31.56 -0.41
C VAL B 169 4.72 32.34 -1.20
N SER B 170 4.51 33.66 -1.27
CA SER B 170 5.41 34.54 -2.01
C SER B 170 6.84 34.43 -1.49
N GLN B 171 6.98 34.00 -0.24
CA GLN B 171 8.29 33.91 0.40
C GLN B 171 9.11 32.70 -0.07
N TYR B 172 8.41 31.65 -0.51
CA TYR B 172 9.07 30.39 -0.85
C TYR B 172 8.77 29.88 -2.25
N MET B 173 7.79 30.48 -2.92
CA MET B 173 7.42 30.07 -4.27
C MET B 173 8.58 30.32 -5.24
N THR B 174 8.55 29.66 -6.40
CA THR B 174 9.43 30.00 -7.50
C THR B 174 8.73 31.07 -8.32
N ARG B 175 9.41 32.19 -8.54
CA ARG B 175 8.77 33.37 -9.11
C ARG B 175 8.82 33.38 -10.64
N ARG B 176 7.90 34.14 -11.22
CA ARG B 176 7.67 34.16 -12.66
C ARG B 176 8.94 34.32 -13.50
N GLU B 177 9.81 35.24 -13.10
CA GLU B 177 11.00 35.53 -13.91
C GLU B 177 11.87 34.29 -14.10
N ASN B 178 11.88 33.41 -13.11
CA ASN B 178 12.73 32.22 -13.14
C ASN B 178 12.03 31.00 -13.74
N MET B 179 10.72 31.10 -13.93
CA MET B 179 9.92 29.98 -14.42
C MET B 179 10.04 29.80 -15.93
N THR B 180 10.04 28.55 -16.38
CA THR B 180 10.01 28.24 -17.80
C THR B 180 8.56 27.97 -18.19
N VAL B 181 7.99 28.84 -19.01
CA VAL B 181 6.61 28.72 -19.42
C VAL B 181 6.52 28.61 -20.94
N GLU B 182 5.30 28.55 -21.46
CA GLU B 182 5.08 28.51 -22.90
C GLU B 182 3.93 29.44 -23.27
N ARG B 183 3.88 29.83 -24.54
CA ARG B 183 2.88 30.76 -25.03
C ARG B 183 1.78 30.05 -25.78
N TYR B 184 0.54 30.44 -25.48
CA TYR B 184 -0.63 29.94 -26.19
C TYR B 184 -0.74 30.67 -27.54
N PRO B 185 -1.14 29.96 -28.61
CA PRO B 185 -1.50 28.54 -28.70
C PRO B 185 -0.32 27.61 -28.94
N ILE B 186 -0.41 26.40 -28.40
CA ILE B 186 0.61 25.39 -28.60
C ILE B 186 -0.03 24.00 -28.62
N LYS B 187 0.47 23.13 -29.49
CA LYS B 187 -0.01 21.76 -29.55
C LYS B 187 0.37 21.01 -28.28
N LEU B 188 -0.51 20.13 -27.83
CA LEU B 188 -0.22 19.31 -26.65
C LEU B 188 0.99 18.43 -26.92
N GLU B 189 1.11 17.94 -28.15
CA GLU B 189 2.22 17.08 -28.54
C GLU B 189 3.56 17.77 -28.24
N GLU B 190 3.58 19.09 -28.44
CA GLU B 190 4.80 19.87 -28.26
C GLU B 190 4.99 20.30 -26.82
N ALA B 191 3.88 20.65 -26.16
CA ALA B 191 3.92 21.13 -24.78
C ALA B 191 4.52 20.08 -23.85
N MET B 192 4.19 18.81 -24.08
CA MET B 192 4.68 17.74 -23.22
C MET B 192 6.14 17.42 -23.53
N ASP B 193 6.56 17.67 -24.76
CA ASP B 193 7.96 17.47 -25.13
C ASP B 193 8.83 18.57 -24.50
N VAL B 194 8.28 19.78 -24.43
CA VAL B 194 8.95 20.88 -23.76
C VAL B 194 9.04 20.60 -22.26
N LEU B 195 7.93 20.16 -21.68
CA LEU B 195 7.85 19.85 -20.27
C LEU B 195 8.79 18.70 -19.90
N ASN B 196 8.89 17.71 -20.79
CA ASN B 196 9.77 16.57 -20.57
C ASN B 196 11.24 16.97 -20.60
N ARG B 197 11.66 17.65 -21.66
CA ARG B 197 13.05 18.08 -21.81
C ARG B 197 13.39 19.15 -20.78
N SER B 198 12.36 19.73 -20.17
CA SER B 198 12.52 20.78 -19.17
C SER B 198 12.92 20.24 -17.79
N ARG B 199 12.71 18.96 -17.58
CA ARG B 199 13.07 18.28 -16.33
C ARG B 199 12.31 18.87 -15.12
N HIS B 200 11.24 19.62 -15.39
CA HIS B 200 10.37 20.13 -14.34
C HIS B 200 9.07 19.35 -14.32
N GLY B 201 8.28 19.54 -13.28
CA GLY B 201 7.06 18.77 -13.10
C GLY B 201 5.83 19.46 -13.66
N TYR B 202 5.97 20.74 -14.02
CA TYR B 202 4.85 21.52 -14.51
C TYR B 202 5.27 22.52 -15.59
N LEU B 203 4.32 22.88 -16.44
CA LEU B 203 4.56 23.84 -17.52
C LEU B 203 3.32 24.69 -17.74
N PRO B 204 3.29 25.88 -17.13
CA PRO B 204 2.18 26.79 -17.43
C PRO B 204 2.18 27.20 -18.90
N VAL B 205 0.99 27.53 -19.41
CA VAL B 205 0.85 28.05 -20.76
C VAL B 205 0.10 29.37 -20.68
N LEU B 206 0.75 30.43 -21.14
CA LEU B 206 0.25 31.79 -20.95
C LEU B 206 -0.09 32.46 -22.27
N ASN B 207 -0.83 33.57 -22.19
CA ASN B 207 -1.15 34.35 -23.38
C ASN B 207 -0.14 35.48 -23.57
N ASP B 208 -0.60 36.64 -24.02
CA ASP B 208 0.28 37.78 -24.28
C ASP B 208 0.50 38.62 -23.03
N LYS B 209 -0.47 38.58 -22.11
CA LYS B 209 -0.40 39.37 -20.89
C LYS B 209 0.02 38.52 -19.70
N ASP B 210 0.72 37.43 -19.98
CA ASP B 210 1.21 36.50 -18.95
C ASP B 210 0.08 35.98 -18.06
N GLU B 211 -1.13 35.91 -18.60
CA GLU B 211 -2.27 35.34 -17.88
C GLU B 211 -2.33 33.83 -18.12
N VAL B 212 -2.75 33.08 -17.10
CA VAL B 212 -2.76 31.62 -17.20
C VAL B 212 -3.92 31.12 -18.05
N VAL B 213 -3.59 30.45 -19.15
CA VAL B 213 -4.58 29.85 -20.02
C VAL B 213 -4.85 28.43 -19.59
N CYS B 214 -3.78 27.65 -19.47
CA CYS B 214 -3.87 26.27 -19.02
C CYS B 214 -2.53 25.83 -18.46
N LEU B 215 -2.48 24.60 -17.96
CA LEU B 215 -1.29 24.06 -17.29
C LEU B 215 -1.06 22.61 -17.70
N CYS B 216 0.20 22.23 -17.85
CA CYS B 216 0.57 20.85 -18.14
C CYS B 216 1.25 20.22 -16.93
N SER B 217 0.84 19.00 -16.60
CA SER B 217 1.42 18.25 -15.49
C SER B 217 2.23 17.08 -16.03
N ARG B 218 3.42 16.85 -15.47
CA ARG B 218 4.25 15.73 -15.89
C ARG B 218 3.62 14.42 -15.44
N ARG B 219 2.76 14.49 -14.42
CA ARG B 219 2.10 13.29 -13.92
C ARG B 219 1.15 12.72 -14.97
N ASP B 220 0.56 13.59 -15.78
CA ASP B 220 -0.36 13.15 -16.82
C ASP B 220 0.41 12.53 -17.99
N ALA B 221 1.73 12.68 -17.98
CA ALA B 221 2.59 12.01 -18.95
C ALA B 221 2.88 10.58 -18.50
N VAL B 222 3.13 10.40 -17.21
CA VAL B 222 3.49 9.08 -16.68
C VAL B 222 2.23 8.22 -16.52
N ARG B 223 1.10 8.86 -16.28
CA ARG B 223 -0.16 8.13 -16.20
C ARG B 223 -0.51 7.58 -17.58
N ALA B 224 -0.20 8.36 -18.61
CA ALA B 224 -0.40 7.91 -19.98
C ALA B 224 0.58 6.80 -20.36
N ARG B 225 1.59 6.62 -19.52
CA ARG B 225 2.69 5.69 -19.80
C ARG B 225 2.52 4.41 -18.98
N ASP B 226 2.15 4.58 -17.72
CA ASP B 226 1.96 3.47 -16.80
C ASP B 226 0.59 2.83 -16.98
N TYR B 227 -0.33 3.57 -17.56
CA TYR B 227 -1.70 3.11 -17.78
C TYR B 227 -2.13 3.44 -19.20
N PRO B 228 -1.57 2.72 -20.18
CA PRO B 228 -1.81 2.96 -21.61
C PRO B 228 -3.18 2.47 -22.09
N ASN B 229 -3.91 1.79 -21.22
CA ASN B 229 -5.22 1.25 -21.57
C ASN B 229 -6.37 2.00 -20.91
N SER B 230 -6.05 3.11 -20.26
CA SER B 230 -7.03 3.88 -19.51
C SER B 230 -8.28 4.18 -20.33
N SER B 231 -9.43 4.20 -19.65
CA SER B 231 -10.70 4.48 -20.28
C SER B 231 -10.91 5.99 -20.39
N LEU B 232 -10.71 6.52 -21.59
CA LEU B 232 -10.74 7.97 -21.80
C LEU B 232 -11.90 8.44 -22.68
N ASP B 233 -12.31 9.69 -22.50
CA ASP B 233 -13.27 10.34 -23.38
C ASP B 233 -12.49 11.08 -24.46
N ARG B 234 -13.19 11.81 -25.33
CA ARG B 234 -12.54 12.51 -26.44
C ARG B 234 -11.51 13.52 -25.95
N ASN B 235 -11.70 14.02 -24.74
CA ASN B 235 -10.83 15.06 -24.17
C ASN B 235 -9.69 14.54 -23.28
N GLY B 236 -9.40 13.24 -23.36
CA GLY B 236 -8.31 12.68 -22.59
C GLY B 236 -8.57 12.53 -21.10
N HIS B 237 -9.76 12.92 -20.65
CA HIS B 237 -10.17 12.73 -19.27
C HIS B 237 -10.68 11.30 -19.06
N LEU B 238 -10.47 10.76 -17.86
CA LEU B 238 -10.97 9.43 -17.54
C LEU B 238 -12.50 9.37 -17.68
N LEU B 239 -13.02 8.19 -18.05
CA LEU B 239 -14.46 7.99 -18.10
C LEU B 239 -15.01 7.81 -16.69
N CYS B 240 -16.25 8.21 -16.50
CA CYS B 240 -16.88 8.09 -15.19
C CYS B 240 -18.39 7.97 -15.34
N ALA B 241 -18.94 6.93 -14.73
CA ALA B 241 -20.38 6.75 -14.65
C ALA B 241 -20.83 7.09 -13.25
N ALA B 242 -22.13 7.33 -13.11
CA ALA B 242 -22.73 7.61 -11.81
C ALA B 242 -24.11 7.02 -11.78
N ALA B 243 -24.53 6.60 -10.59
CA ALA B 243 -25.84 6.00 -10.43
C ALA B 243 -26.87 7.06 -10.09
N THR B 244 -28.14 6.76 -10.35
CA THR B 244 -29.24 7.63 -9.95
C THR B 244 -30.54 6.84 -9.93
N SER B 245 -31.44 7.21 -9.02
CA SER B 245 -32.76 6.60 -9.00
C SER B 245 -33.61 7.26 -10.09
N THR B 246 -34.87 6.85 -10.23
CA THR B 246 -35.72 7.35 -11.31
C THR B 246 -36.94 8.14 -10.80
N ARG B 247 -36.82 8.70 -9.59
CA ARG B 247 -37.86 9.58 -9.06
C ARG B 247 -37.80 10.91 -9.81
N GLU B 248 -38.90 11.66 -9.79
CA GLU B 248 -38.93 12.98 -10.42
C GLU B 248 -37.85 13.88 -9.81
N ALA B 249 -37.66 13.75 -8.51
CA ALA B 249 -36.65 14.51 -7.78
C ALA B 249 -35.25 14.34 -8.38
N ASP B 250 -34.97 13.15 -8.90
CA ASP B 250 -33.64 12.82 -9.37
C ASP B 250 -33.32 13.46 -10.71
N LYS B 251 -34.30 14.13 -11.30
CA LYS B 251 -34.05 14.83 -12.55
C LYS B 251 -33.01 15.92 -12.32
N GLY B 252 -33.12 16.57 -11.16
CA GLY B 252 -32.18 17.61 -10.78
C GLY B 252 -30.79 17.04 -10.60
N ARG B 253 -30.72 15.80 -10.10
CA ARG B 253 -29.45 15.14 -9.85
C ARG B 253 -28.73 14.83 -11.16
N VAL B 254 -29.48 14.53 -12.21
CA VAL B 254 -28.90 14.17 -13.49
C VAL B 254 -28.22 15.38 -14.13
N ALA B 255 -28.88 16.53 -14.04
CA ALA B 255 -28.32 17.77 -14.56
C ALA B 255 -26.97 18.07 -13.91
N ALA B 256 -26.93 17.95 -12.59
CA ALA B 256 -25.71 18.19 -11.83
C ALA B 256 -24.60 17.28 -12.33
N LEU B 257 -24.90 15.99 -12.45
CA LEU B 257 -23.92 15.02 -12.92
C LEU B 257 -23.50 15.33 -14.36
N SER B 258 -24.45 15.78 -15.18
CA SER B 258 -24.16 16.12 -16.56
C SER B 258 -23.16 17.27 -16.61
N GLU B 259 -23.38 18.28 -15.77
CA GLU B 259 -22.47 19.41 -15.69
C GLU B 259 -21.12 18.93 -15.19
N ALA B 260 -21.12 18.09 -14.16
CA ALA B 260 -19.89 17.54 -13.62
C ALA B 260 -19.20 16.68 -14.66
N GLY B 261 -19.95 16.25 -15.67
CA GLY B 261 -19.38 15.63 -16.85
C GLY B 261 -19.31 14.11 -16.89
N ILE B 262 -20.28 13.43 -16.26
CA ILE B 262 -20.35 11.96 -16.38
C ILE B 262 -20.55 11.58 -17.83
N ASP B 263 -20.15 10.36 -18.17
CA ASP B 263 -20.30 9.85 -19.52
C ASP B 263 -21.45 8.86 -19.61
N VAL B 264 -21.78 8.22 -18.49
CA VAL B 264 -22.82 7.21 -18.46
C VAL B 264 -23.68 7.31 -17.21
N LEU B 265 -24.99 7.25 -17.42
CA LEU B 265 -25.95 7.27 -16.34
C LEU B 265 -26.44 5.86 -16.06
N VAL B 266 -26.25 5.40 -14.83
CA VAL B 266 -26.70 4.08 -14.44
C VAL B 266 -27.93 4.21 -13.57
N LEU B 267 -29.04 3.66 -14.03
CA LEU B 267 -30.27 3.75 -13.27
C LEU B 267 -30.25 2.71 -12.17
N ASP B 268 -30.55 3.17 -10.96
CA ASP B 268 -30.52 2.32 -9.79
C ASP B 268 -31.92 1.87 -9.42
N SER B 269 -32.20 0.60 -9.70
CA SER B 269 -33.48 0.01 -9.34
C SER B 269 -33.35 -1.49 -9.22
N SER B 270 -34.04 -2.06 -8.22
CA SER B 270 -34.00 -3.51 -8.00
C SER B 270 -34.88 -4.21 -9.03
N GLN B 271 -35.86 -3.47 -9.55
CA GLN B 271 -36.64 -3.91 -10.70
C GLN B 271 -37.03 -2.74 -11.59
N GLY B 272 -36.39 -2.66 -12.74
CA GLY B 272 -36.48 -1.48 -13.57
C GLY B 272 -37.61 -1.49 -14.58
N ASN B 273 -38.41 -2.54 -14.60
CA ASN B 273 -39.50 -2.59 -15.58
C ASN B 273 -40.69 -1.83 -15.04
N THR B 274 -40.48 -0.55 -14.76
CA THR B 274 -41.52 0.31 -14.20
C THR B 274 -41.83 1.44 -15.17
N ILE B 275 -43.06 1.94 -15.09
CA ILE B 275 -43.48 3.07 -15.91
C ILE B 275 -42.60 4.27 -15.61
N TYR B 276 -42.07 4.30 -14.39
CA TYR B 276 -41.24 5.39 -13.94
C TYR B 276 -39.90 5.37 -14.67
N GLN B 277 -39.25 4.21 -14.69
CA GLN B 277 -37.97 4.06 -15.35
C GLN B 277 -38.11 4.33 -16.85
N VAL B 278 -39.20 3.86 -17.43
CA VAL B 278 -39.45 4.06 -18.86
C VAL B 278 -39.59 5.54 -19.16
N SER B 279 -40.45 6.22 -18.40
CA SER B 279 -40.62 7.66 -18.54
C SER B 279 -39.28 8.36 -18.36
N PHE B 280 -38.53 7.91 -17.36
CA PHE B 280 -37.26 8.53 -17.02
C PHE B 280 -36.24 8.40 -18.14
N ILE B 281 -36.10 7.19 -18.70
CA ILE B 281 -35.17 6.96 -19.80
C ILE B 281 -35.51 7.89 -20.97
N ARG B 282 -36.79 7.99 -21.30
CA ARG B 282 -37.22 8.79 -22.45
C ARG B 282 -36.83 10.24 -22.22
N TRP B 283 -36.95 10.67 -20.98
CA TRP B 283 -36.67 12.04 -20.60
C TRP B 283 -35.17 12.35 -20.72
N VAL B 284 -34.34 11.43 -20.26
CA VAL B 284 -32.90 11.62 -20.31
C VAL B 284 -32.42 11.71 -21.75
N LYS B 285 -32.88 10.82 -22.61
CA LYS B 285 -32.41 10.76 -24.00
C LYS B 285 -32.86 12.02 -24.76
N LYS B 286 -34.01 12.56 -24.39
CA LYS B 286 -34.52 13.77 -25.02
C LYS B 286 -33.76 15.01 -24.50
N THR B 287 -33.61 15.08 -23.18
CA THR B 287 -33.01 16.25 -22.54
C THR B 287 -31.49 16.25 -22.61
N TYR B 288 -30.87 15.07 -22.58
CA TYR B 288 -29.42 14.93 -22.56
C TYR B 288 -28.93 13.87 -23.53
N PRO B 289 -29.05 14.13 -24.84
CA PRO B 289 -28.73 13.15 -25.89
C PRO B 289 -27.31 12.60 -25.83
N HIS B 290 -26.40 13.33 -25.19
CA HIS B 290 -24.99 12.94 -25.18
C HIS B 290 -24.72 11.83 -24.15
N LEU B 291 -25.67 11.63 -23.24
CA LEU B 291 -25.52 10.64 -22.19
C LEU B 291 -26.05 9.28 -22.61
N GLU B 292 -25.23 8.26 -22.39
CA GLU B 292 -25.67 6.87 -22.51
C GLU B 292 -26.30 6.46 -21.19
N VAL B 293 -27.31 5.60 -21.26
CA VAL B 293 -28.07 5.21 -20.09
C VAL B 293 -28.10 3.71 -19.91
N VAL B 294 -27.68 3.26 -18.74
CA VAL B 294 -27.74 1.86 -18.38
C VAL B 294 -29.02 1.64 -17.58
N ALA B 295 -30.00 0.96 -18.18
CA ALA B 295 -31.26 0.69 -17.52
C ALA B 295 -31.17 -0.57 -16.68
N GLY B 296 -32.20 -0.83 -15.89
CA GLY B 296 -32.23 -2.04 -15.08
C GLY B 296 -32.62 -1.74 -13.65
N ASN B 297 -32.55 -2.74 -12.76
CA ASN B 297 -32.15 -4.09 -13.14
C ASN B 297 -33.29 -4.87 -13.76
N VAL B 298 -32.95 -5.80 -14.66
CA VAL B 298 -33.94 -6.73 -15.23
C VAL B 298 -33.43 -8.18 -15.17
N VAL B 299 -34.36 -9.13 -15.32
CA VAL B 299 -33.97 -10.54 -15.37
C VAL B 299 -34.72 -11.32 -16.45
N THR B 300 -35.69 -10.70 -17.12
CA THR B 300 -36.40 -11.37 -18.20
C THR B 300 -36.35 -10.60 -19.50
N GLN B 301 -36.56 -11.32 -20.59
CA GLN B 301 -36.60 -10.73 -21.92
C GLN B 301 -37.75 -9.72 -22.04
N ASP B 302 -38.85 -10.00 -21.34
CA ASP B 302 -40.02 -9.14 -21.43
C ASP B 302 -39.75 -7.80 -20.80
N GLN B 303 -39.08 -7.80 -19.64
CA GLN B 303 -38.62 -6.57 -19.01
C GLN B 303 -37.71 -5.83 -19.95
N ALA B 304 -36.74 -6.57 -20.49
CA ALA B 304 -35.69 -6.00 -21.32
C ALA B 304 -36.26 -5.29 -22.53
N LYS B 305 -37.34 -5.83 -23.07
CA LYS B 305 -37.96 -5.26 -24.25
C LYS B 305 -38.40 -3.83 -23.97
N ASN B 306 -39.10 -3.64 -22.87
CA ASN B 306 -39.64 -2.33 -22.52
C ASN B 306 -38.56 -1.27 -22.34
N LEU B 307 -37.44 -1.66 -21.74
CA LEU B 307 -36.39 -0.68 -21.40
C LEU B 307 -35.55 -0.35 -22.63
N ILE B 308 -35.39 -1.31 -23.53
CA ILE B 308 -34.71 -1.05 -24.80
C ILE B 308 -35.61 -0.19 -25.69
N ASP B 309 -36.91 -0.46 -25.68
CA ASP B 309 -37.86 0.39 -26.39
C ASP B 309 -37.71 1.85 -25.98
N ALA B 310 -37.62 2.09 -24.67
CA ALA B 310 -37.55 3.46 -24.14
C ALA B 310 -36.24 4.14 -24.54
N GLY B 311 -35.23 3.35 -24.89
CA GLY B 311 -34.00 3.86 -25.44
C GLY B 311 -32.74 3.59 -24.65
N ALA B 312 -32.75 2.54 -23.86
CA ALA B 312 -31.58 2.20 -23.06
C ALA B 312 -30.39 1.81 -23.95
N ASP B 313 -29.20 2.26 -23.57
CA ASP B 313 -27.98 1.94 -24.30
C ASP B 313 -27.28 0.71 -23.71
N SER B 314 -27.84 0.19 -22.63
CA SER B 314 -27.25 -0.94 -21.91
C SER B 314 -28.25 -1.44 -20.87
N LEU B 315 -28.03 -2.63 -20.34
CA LEU B 315 -28.92 -3.19 -19.32
C LEU B 315 -28.14 -3.88 -18.20
N ARG B 316 -28.57 -3.66 -16.95
CA ARG B 316 -28.03 -4.41 -15.83
C ARG B 316 -28.87 -5.65 -15.62
N ILE B 317 -28.23 -6.81 -15.68
CA ILE B 317 -28.92 -8.06 -15.40
C ILE B 317 -28.60 -8.58 -14.01
N GLY B 318 -29.62 -8.78 -13.20
CA GLY B 318 -29.46 -9.46 -11.94
C GLY B 318 -30.31 -8.88 -10.84
N MET B 319 -30.02 -9.33 -9.62
CA MET B 319 -30.66 -8.82 -8.41
C MET B 319 -29.99 -7.52 -7.97
N GLY B 320 -28.68 -7.57 -7.83
CA GLY B 320 -27.88 -6.42 -7.44
C GLY B 320 -26.54 -6.83 -6.88
N LEU B 331 -38.23 -10.57 0.23
CA LEU B 331 -37.37 -10.36 -0.95
C LEU B 331 -35.88 -10.36 -0.55
N ALA B 332 -35.04 -10.93 -1.41
CA ALA B 332 -35.47 -11.58 -2.66
C ALA B 332 -34.34 -12.37 -3.33
N CYS B 333 -34.44 -13.69 -3.29
CA CYS B 333 -33.60 -14.56 -4.13
C CYS B 333 -34.37 -14.82 -5.42
N GLY B 334 -33.85 -14.31 -6.53
CA GLY B 334 -34.59 -14.26 -7.78
C GLY B 334 -34.09 -15.23 -8.84
N ARG B 335 -34.27 -14.83 -10.09
CA ARG B 335 -33.93 -15.70 -11.21
C ARG B 335 -32.43 -16.02 -11.21
N PRO B 336 -32.09 -17.32 -11.29
CA PRO B 336 -30.68 -17.74 -11.33
C PRO B 336 -29.86 -16.95 -12.36
N GLN B 337 -28.76 -16.36 -11.91
CA GLN B 337 -28.09 -15.36 -12.71
C GLN B 337 -27.60 -15.89 -14.06
N ALA B 338 -27.17 -17.15 -14.12
CA ALA B 338 -26.65 -17.69 -15.37
C ALA B 338 -27.73 -17.66 -16.42
N THR B 339 -28.89 -18.23 -16.09
CA THR B 339 -30.04 -18.21 -16.98
C THR B 339 -30.41 -16.78 -17.34
N ALA B 340 -30.61 -15.94 -16.32
CA ALA B 340 -30.96 -14.53 -16.53
C ALA B 340 -30.04 -13.86 -17.52
N ILE B 341 -28.73 -14.05 -17.36
CA ILE B 341 -27.77 -13.42 -18.26
C ILE B 341 -27.90 -13.99 -19.67
N TYR B 342 -28.03 -15.31 -19.79
CA TYR B 342 -28.09 -15.90 -21.12
C TYR B 342 -29.30 -15.41 -21.87
N LYS B 343 -30.46 -15.48 -21.22
CA LYS B 343 -31.73 -15.19 -21.84
C LYS B 343 -31.83 -13.74 -22.25
N VAL B 344 -31.53 -12.84 -21.33
CA VAL B 344 -31.70 -11.42 -21.58
C VAL B 344 -30.64 -10.92 -22.56
N ALA B 345 -29.40 -11.35 -22.37
CA ALA B 345 -28.29 -10.85 -23.18
C ALA B 345 -28.49 -11.23 -24.63
N ARG B 346 -28.97 -12.46 -24.86
CA ARG B 346 -29.27 -12.92 -26.20
C ARG B 346 -30.36 -12.09 -26.84
N TYR B 347 -31.43 -11.83 -26.09
CA TYR B 347 -32.50 -11.01 -26.63
C TYR B 347 -31.97 -9.63 -26.97
N ALA B 348 -31.32 -9.01 -26.00
CA ALA B 348 -30.84 -7.65 -26.15
C ALA B 348 -29.85 -7.55 -27.31
N ALA B 349 -29.03 -8.57 -27.46
CA ALA B 349 -28.00 -8.59 -28.51
C ALA B 349 -28.63 -8.41 -29.87
N SER B 350 -29.81 -8.99 -30.06
CA SER B 350 -30.53 -8.88 -31.32
C SER B 350 -30.94 -7.43 -31.58
N ARG B 351 -31.26 -6.70 -30.51
CA ARG B 351 -31.60 -5.28 -30.61
C ARG B 351 -30.35 -4.39 -30.53
N GLY B 352 -29.18 -5.01 -30.58
CA GLY B 352 -27.92 -4.27 -30.59
C GLY B 352 -27.60 -3.58 -29.27
N VAL B 353 -28.05 -4.15 -28.15
CA VAL B 353 -27.84 -3.58 -26.83
C VAL B 353 -26.99 -4.52 -25.97
N PRO B 354 -25.88 -4.01 -25.38
CA PRO B 354 -25.06 -4.88 -24.53
C PRO B 354 -25.64 -5.01 -23.12
N CYS B 355 -25.12 -5.96 -22.34
CA CYS B 355 -25.61 -6.20 -21.00
C CYS B 355 -24.51 -6.29 -19.95
N VAL B 356 -24.82 -5.75 -18.78
CA VAL B 356 -23.95 -5.80 -17.62
C VAL B 356 -24.43 -6.89 -16.68
N ALA B 357 -23.53 -7.81 -16.34
CA ALA B 357 -23.85 -8.82 -15.35
C ALA B 357 -23.68 -8.20 -13.96
N ASP B 358 -24.78 -8.15 -13.19
CA ASP B 358 -24.78 -7.48 -11.89
C ASP B 358 -25.38 -8.37 -10.80
N GLY B 359 -24.56 -9.29 -10.29
CA GLY B 359 -24.94 -10.17 -9.20
C GLY B 359 -24.42 -11.57 -9.38
N GLY B 360 -24.20 -12.26 -8.26
CA GLY B 360 -23.88 -13.68 -8.29
C GLY B 360 -22.47 -14.01 -8.73
N LEU B 361 -21.58 -13.01 -8.71
CA LEU B 361 -20.19 -13.22 -9.11
C LEU B 361 -19.30 -13.28 -7.89
N ARG B 362 -18.94 -14.49 -7.48
CA ARG B 362 -18.17 -14.70 -6.27
C ARG B 362 -16.67 -14.79 -6.59
N ASN B 363 -16.33 -15.27 -7.78
CA ASN B 363 -14.94 -15.49 -8.17
C ASN B 363 -14.70 -15.30 -9.66
N VAL B 364 -13.47 -15.53 -10.11
CA VAL B 364 -13.09 -15.26 -11.49
C VAL B 364 -13.76 -16.26 -12.44
N GLY B 365 -13.90 -17.50 -12.00
CA GLY B 365 -14.58 -18.50 -12.78
C GLY B 365 -15.98 -18.03 -13.14
N ASP B 366 -16.66 -17.46 -12.16
CA ASP B 366 -18.03 -17.02 -12.36
C ASP B 366 -18.07 -15.88 -13.35
N VAL B 367 -17.15 -14.93 -13.22
CA VAL B 367 -17.11 -13.76 -14.08
C VAL B 367 -16.88 -14.20 -15.52
N CYS B 368 -15.99 -15.17 -15.70
CA CYS B 368 -15.73 -15.67 -17.03
C CYS B 368 -16.96 -16.31 -17.64
N LYS B 369 -17.65 -17.16 -16.87
CA LYS B 369 -18.87 -17.79 -17.35
C LYS B 369 -19.92 -16.74 -17.70
N ALA B 370 -20.04 -15.72 -16.86
CA ALA B 370 -21.04 -14.68 -17.08
C ALA B 370 -20.77 -13.92 -18.39
N LEU B 371 -19.49 -13.77 -18.74
CA LEU B 371 -19.14 -13.04 -19.95
C LEU B 371 -19.28 -13.93 -21.17
N ALA B 372 -19.10 -15.23 -20.99
CA ALA B 372 -19.16 -16.17 -22.10
C ALA B 372 -20.60 -16.44 -22.54
N VAL B 373 -21.54 -16.41 -21.60
CA VAL B 373 -22.92 -16.75 -21.90
C VAL B 373 -23.70 -15.52 -22.38
N GLY B 374 -23.05 -14.37 -22.44
CA GLY B 374 -23.64 -13.22 -23.12
C GLY B 374 -23.38 -11.83 -22.59
N ALA B 375 -22.98 -11.72 -21.33
CA ALA B 375 -22.71 -10.40 -20.77
C ALA B 375 -21.48 -9.81 -21.45
N ASN B 376 -21.52 -8.53 -21.78
CA ASN B 376 -20.34 -7.86 -22.36
C ASN B 376 -19.36 -7.46 -21.28
N VAL B 377 -19.89 -6.99 -20.15
CA VAL B 377 -19.08 -6.60 -19.02
C VAL B 377 -19.69 -7.09 -17.72
N ALA B 378 -18.86 -7.13 -16.68
CA ALA B 378 -19.28 -7.60 -15.37
C ALA B 378 -19.15 -6.50 -14.33
N MET B 379 -20.18 -6.35 -13.51
CA MET B 379 -20.15 -5.38 -12.44
C MET B 379 -19.67 -6.04 -11.16
N LEU B 380 -18.57 -5.55 -10.62
CA LEU B 380 -17.96 -6.09 -9.41
C LEU B 380 -18.39 -5.31 -8.19
N GLY B 381 -18.81 -6.04 -7.16
CA GLY B 381 -19.23 -5.45 -5.92
C GLY B 381 -18.41 -6.01 -4.78
N SER B 382 -18.84 -7.15 -4.26
CA SER B 382 -18.16 -7.79 -3.15
C SER B 382 -16.73 -8.20 -3.52
N MET B 383 -16.51 -8.58 -4.78
CA MET B 383 -15.22 -9.13 -5.19
C MET B 383 -14.07 -8.14 -4.99
N ILE B 384 -14.39 -6.86 -4.84
CA ILE B 384 -13.36 -5.83 -4.71
C ILE B 384 -13.53 -4.97 -3.45
N ALA B 385 -14.59 -5.20 -2.69
CA ALA B 385 -14.76 -4.53 -1.41
C ALA B 385 -13.60 -4.89 -0.50
N GLY B 386 -13.08 -3.90 0.22
CA GLY B 386 -11.96 -4.13 1.11
C GLY B 386 -10.62 -3.82 0.47
N THR B 387 -10.66 -3.29 -0.75
CA THR B 387 -9.42 -2.85 -1.39
C THR B 387 -9.10 -1.43 -0.93
N SER B 388 -7.85 -1.02 -1.11
CA SER B 388 -7.40 0.30 -0.68
C SER B 388 -8.28 1.42 -1.22
N GLU B 389 -8.73 1.30 -2.46
CA GLU B 389 -9.43 2.40 -3.13
C GLU B 389 -10.91 2.49 -2.79
N THR B 390 -11.39 1.61 -1.91
CA THR B 390 -12.78 1.67 -1.49
C THR B 390 -12.92 2.69 -0.37
N PRO B 391 -14.08 3.37 -0.30
CA PRO B 391 -14.36 4.19 0.88
C PRO B 391 -14.33 3.37 2.16
N GLY B 392 -13.99 4.01 3.27
CA GLY B 392 -13.94 3.34 4.55
C GLY B 392 -12.64 3.60 5.28
N GLU B 393 -12.67 3.40 6.59
CA GLU B 393 -11.48 3.53 7.41
C GLU B 393 -10.95 2.14 7.73
N TYR B 394 -9.63 2.00 7.65
CA TYR B 394 -8.99 0.75 8.03
C TYR B 394 -8.83 0.67 9.55
N PHE B 395 -8.96 -0.55 10.08
CA PHE B 395 -8.73 -0.77 11.51
C PHE B 395 -8.37 -2.22 11.78
N PHE B 396 -7.98 -2.51 13.01
CA PHE B 396 -7.56 -3.85 13.41
C PHE B 396 -8.53 -4.48 14.40
N LYS B 397 -8.67 -5.79 14.30
CA LYS B 397 -9.34 -6.57 15.33
C LYS B 397 -8.92 -8.03 15.20
N ASP B 398 -8.50 -8.64 16.30
CA ASP B 398 -7.97 -10.00 16.32
C ASP B 398 -6.82 -10.17 15.33
N GLY B 399 -6.00 -9.13 15.21
CA GLY B 399 -4.80 -9.19 14.40
C GLY B 399 -5.04 -9.10 12.89
N MET B 400 -6.32 -9.04 12.51
CA MET B 400 -6.70 -8.90 11.11
C MET B 400 -6.94 -7.43 10.78
N ARG B 401 -6.59 -7.05 9.55
CA ARG B 401 -6.87 -5.70 9.08
C ARG B 401 -8.20 -5.69 8.35
N LEU B 402 -9.12 -4.85 8.82
CA LEU B 402 -10.48 -4.80 8.28
C LEU B 402 -10.84 -3.42 7.75
N LYS B 403 -11.97 -3.34 7.06
CA LYS B 403 -12.44 -2.09 6.46
C LYS B 403 -13.93 -1.88 6.76
N GLY B 404 -14.28 -0.65 7.15
CA GLY B 404 -15.65 -0.30 7.46
C GLY B 404 -15.88 1.20 7.44
N GLY B 439 -20.59 -5.97 9.00
CA GLY B 439 -20.30 -4.90 8.07
C GLY B 439 -18.81 -4.59 8.00
N ALA B 440 -18.00 -5.64 7.96
CA ALA B 440 -16.55 -5.50 7.92
C ALA B 440 -15.94 -6.60 7.06
N VAL B 441 -14.93 -6.24 6.28
CA VAL B 441 -14.28 -7.18 5.36
C VAL B 441 -12.77 -7.04 5.42
N LEU B 442 -12.08 -8.08 4.96
CA LEU B 442 -10.62 -8.12 5.01
C LEU B 442 -9.99 -7.16 4.01
N ASP B 443 -8.79 -6.68 4.33
CA ASP B 443 -8.01 -5.86 3.41
C ASP B 443 -7.53 -6.74 2.24
N LYS B 444 -7.66 -6.22 1.02
CA LYS B 444 -7.32 -6.99 -0.19
C LYS B 444 -6.29 -6.25 -1.02
N GLY B 445 -5.62 -5.28 -0.42
CA GLY B 445 -4.62 -4.51 -1.11
C GLY B 445 -5.24 -3.60 -2.13
N SER B 446 -4.41 -3.10 -3.05
CA SER B 446 -4.88 -2.19 -4.07
C SER B 446 -5.75 -2.93 -5.08
N VAL B 447 -6.84 -2.30 -5.47
CA VAL B 447 -7.72 -2.86 -6.49
C VAL B 447 -6.96 -3.00 -7.81
N LEU B 448 -5.90 -2.21 -7.98
CA LEU B 448 -5.10 -2.27 -9.19
C LEU B 448 -4.43 -3.62 -9.35
N LYS B 449 -4.01 -4.21 -8.25
CA LYS B 449 -3.37 -5.52 -8.29
C LYS B 449 -4.44 -6.59 -8.53
N LEU B 450 -5.59 -6.37 -7.91
CA LEU B 450 -6.68 -7.32 -8.02
C LEU B 450 -7.27 -7.38 -9.42
N LEU B 451 -7.35 -6.22 -10.08
CA LEU B 451 -7.89 -6.14 -11.42
C LEU B 451 -6.99 -6.89 -12.39
N ALA B 452 -5.69 -6.69 -12.24
CA ALA B 452 -4.72 -7.35 -13.11
C ALA B 452 -4.74 -8.86 -12.91
N TYR B 453 -5.21 -9.29 -11.73
CA TYR B 453 -5.30 -10.71 -11.42
C TYR B 453 -6.53 -11.30 -12.10
N ILE B 454 -7.64 -10.58 -12.03
CA ILE B 454 -8.84 -10.93 -12.77
C ILE B 454 -8.56 -10.94 -14.25
N HIS B 455 -7.85 -9.91 -14.70
CA HIS B 455 -7.54 -9.75 -16.11
C HIS B 455 -6.78 -10.95 -16.64
N LYS B 456 -5.72 -11.32 -15.93
CA LYS B 456 -4.90 -12.46 -16.29
C LYS B 456 -5.70 -13.75 -16.23
N GLY B 457 -6.69 -13.79 -15.33
CA GLY B 457 -7.52 -14.96 -15.17
C GLY B 457 -8.51 -15.16 -16.31
N LEU B 458 -9.01 -14.06 -16.84
CA LEU B 458 -9.91 -14.10 -17.98
C LEU B 458 -9.19 -14.61 -19.21
N GLN B 459 -7.94 -14.19 -19.37
CA GLN B 459 -7.16 -14.58 -20.52
C GLN B 459 -6.85 -16.07 -20.50
N GLN B 460 -6.45 -16.58 -19.34
CA GLN B 460 -6.16 -18.00 -19.22
C GLN B 460 -7.41 -18.84 -19.50
N SER B 461 -8.55 -18.34 -19.05
CA SER B 461 -9.81 -19.04 -19.27
C SER B 461 -10.24 -19.02 -20.73
N ALA B 462 -10.13 -17.86 -21.37
CA ALA B 462 -10.51 -17.74 -22.77
C ALA B 462 -9.53 -18.53 -23.63
N GLN B 463 -8.30 -18.71 -23.15
CA GLN B 463 -7.32 -19.51 -23.87
C GLN B 463 -7.75 -20.98 -23.83
N ASP B 464 -8.24 -21.41 -22.68
CA ASP B 464 -8.68 -22.77 -22.49
C ASP B 464 -9.83 -23.09 -23.44
N ILE B 465 -10.71 -22.11 -23.62
CA ILE B 465 -11.86 -22.25 -24.51
C ILE B 465 -11.39 -22.28 -25.96
N GLY B 466 -10.35 -21.52 -26.26
CA GLY B 466 -9.67 -21.60 -27.54
C GLY B 466 -10.03 -20.51 -28.53
N GLU B 467 -10.37 -19.32 -28.02
CA GLU B 467 -10.66 -18.15 -28.85
C GLU B 467 -9.92 -16.92 -28.34
N VAL B 468 -9.41 -16.08 -29.23
CA VAL B 468 -8.53 -14.98 -28.82
C VAL B 468 -9.28 -13.73 -28.38
N SER B 469 -10.58 -13.84 -28.16
CA SER B 469 -11.33 -12.70 -27.64
C SER B 469 -12.66 -13.16 -27.10
N PHE B 470 -13.21 -12.40 -26.16
CA PHE B 470 -14.51 -12.73 -25.62
C PHE B 470 -15.63 -12.33 -26.60
N ASP B 471 -15.36 -11.39 -27.51
CA ASP B 471 -16.32 -11.10 -28.58
C ASP B 471 -16.56 -12.36 -29.38
N ALA B 472 -15.49 -13.09 -29.65
CA ALA B 472 -15.55 -14.30 -30.44
C ALA B 472 -16.20 -15.43 -29.66
N ILE B 473 -15.99 -15.46 -28.35
CA ILE B 473 -16.56 -16.53 -27.54
C ILE B 473 -18.07 -16.37 -27.53
N ARG B 474 -18.54 -15.14 -27.38
CA ARG B 474 -19.97 -14.88 -27.33
C ARG B 474 -20.60 -15.29 -28.64
N GLU B 475 -19.98 -14.86 -29.74
CA GLU B 475 -20.44 -15.18 -31.08
C GLU B 475 -20.56 -16.68 -31.26
N LYS B 476 -19.49 -17.41 -30.93
CA LYS B 476 -19.44 -18.84 -31.16
C LYS B 476 -20.24 -19.64 -30.13
N VAL B 477 -20.66 -19.00 -29.05
CA VAL B 477 -21.60 -19.62 -28.13
C VAL B 477 -22.95 -19.68 -28.85
N TYR B 478 -23.35 -18.55 -29.43
CA TYR B 478 -24.60 -18.47 -30.18
C TYR B 478 -24.53 -19.37 -31.41
N GLU B 479 -23.35 -19.45 -32.00
CA GLU B 479 -23.14 -20.21 -33.22
C GLU B 479 -23.18 -21.71 -32.94
N GLY B 480 -22.95 -22.09 -31.69
CA GLY B 480 -22.96 -23.49 -31.28
C GLY B 480 -21.61 -24.15 -31.44
N GLN B 481 -20.56 -23.34 -31.49
CA GLN B 481 -19.20 -23.83 -31.65
C GLN B 481 -18.44 -23.87 -30.31
N VAL B 482 -18.86 -23.04 -29.36
CA VAL B 482 -18.41 -23.19 -27.98
C VAL B 482 -19.50 -23.93 -27.20
N LEU B 483 -19.10 -25.00 -26.53
CA LEU B 483 -20.05 -25.95 -25.97
C LEU B 483 -19.87 -26.06 -24.48
N PHE B 484 -20.93 -26.54 -23.82
CA PHE B 484 -20.98 -26.61 -22.37
C PHE B 484 -21.29 -28.02 -21.91
N ASN B 485 -21.23 -28.22 -20.59
CA ASN B 485 -21.66 -29.45 -19.97
C ASN B 485 -22.30 -29.13 -18.64
N ARG B 486 -23.55 -29.52 -18.48
CA ARG B 486 -24.21 -29.40 -17.18
C ARG B 486 -23.63 -30.46 -16.25
N ARG B 487 -23.34 -30.07 -15.02
CA ARG B 487 -22.80 -31.00 -14.05
C ARG B 487 -23.88 -31.47 -13.10
N THR B 488 -23.87 -32.77 -12.82
CA THR B 488 -24.71 -33.30 -11.75
C THR B 488 -24.24 -32.72 -10.44
N LEU B 489 -25.06 -32.85 -9.41
CA LEU B 489 -24.73 -32.29 -8.12
C LEU B 489 -23.56 -33.00 -7.47
N THR B 490 -23.42 -34.30 -7.71
CA THR B 490 -22.32 -35.04 -7.11
C THR B 490 -21.05 -34.80 -7.94
N ALA B 491 -21.23 -34.44 -9.21
CA ALA B 491 -20.10 -34.08 -10.05
C ALA B 491 -19.55 -32.72 -9.62
N GLN B 492 -20.38 -31.95 -8.92
CA GLN B 492 -19.98 -30.64 -8.41
C GLN B 492 -19.26 -30.74 -7.06
N SER B 493 -19.31 -31.92 -6.45
CA SER B 493 -18.69 -32.15 -5.14
C SER B 493 -17.38 -32.92 -5.28
N GLU B 494 -16.49 -32.37 -6.12
CA GLU B 494 -15.19 -32.99 -6.39
C GLU B 494 -14.47 -32.28 -7.54
PG ATP C . 14.62 11.51 -7.54
O1G ATP C . 15.14 10.95 -6.24
O2G ATP C . 13.13 11.30 -7.80
O3G ATP C . 15.48 11.22 -8.75
PB ATP C . 13.88 14.16 -8.12
O1B ATP C . 14.09 13.99 -9.60
O2B ATP C . 12.47 14.09 -7.56
O3B ATP C . 14.77 13.10 -7.30
PA ATP C . 14.96 16.82 -8.40
O1A ATP C . 14.18 18.02 -7.90
O2A ATP C . 16.47 16.89 -8.37
O3A ATP C . 14.55 15.52 -7.54
O5' ATP C . 14.47 16.59 -9.92
C5' ATP C . 15.37 16.11 -10.92
C4' ATP C . 15.98 17.28 -11.69
O4' ATP C . 16.80 18.08 -10.82
C3' ATP C . 16.89 16.79 -12.80
O3' ATP C . 16.78 17.68 -13.92
C2' ATP C . 18.26 16.83 -12.17
O2' ATP C . 19.31 16.89 -13.13
C1' ATP C . 18.15 18.07 -11.31
N9 ATP C . 19.16 18.05 -10.22
C8 ATP C . 19.31 17.09 -9.27
N7 ATP C . 20.34 17.40 -8.45
C5 ATP C . 20.87 18.55 -8.88
C6 ATP C . 21.99 19.43 -8.47
N6 ATP C . 22.76 19.11 -7.40
N1 ATP C . 22.22 20.55 -9.19
C2 ATP C . 21.47 20.88 -10.26
N3 ATP C . 20.44 20.13 -10.67
C4 ATP C . 20.11 18.98 -10.05
H5'1 ATP C . 14.83 15.46 -11.61
H5'2 ATP C . 16.16 15.52 -10.45
H4' ATP C . 15.17 17.89 -12.13
H3' ATP C . 16.63 15.75 -13.08
HO3' ATP C . 17.36 17.36 -14.63
H2' ATP C . 18.38 15.95 -11.52
HO2' ATP C . 19.29 16.10 -13.69
H1' ATP C . 18.31 18.95 -11.94
H8 ATP C . 18.68 16.22 -9.18
HN61 ATP C . 22.56 18.26 -6.89
HN62 ATP C . 23.51 19.71 -7.12
H2 ATP C . 21.70 21.79 -10.79
P 5GP D . 25.60 -1.12 -3.24
O1P 5GP D . 26.68 -1.98 -2.62
O2P 5GP D . 25.92 -0.66 -4.65
O3P 5GP D . 24.19 -1.60 -3.03
O5' 5GP D . 25.68 0.23 -2.38
C5' 5GP D . 24.84 1.35 -2.68
C4' 5GP D . 25.56 2.64 -2.43
O4' 5GP D . 24.65 3.77 -2.66
C3' 5GP D . 26.10 2.82 -1.00
O3' 5GP D . 27.39 3.44 -1.04
C2' 5GP D . 25.08 3.78 -0.37
O2' 5GP D . 25.59 4.53 0.71
C1' 5GP D . 24.74 4.66 -1.57
N9 5GP D . 23.48 5.40 -1.45
C8 5GP D . 22.53 5.35 -0.50
N7 5GP D . 21.56 6.24 -0.81
C5 5GP D . 21.91 6.84 -1.96
C6 5GP D . 21.32 7.82 -2.78
O6 5GP D . 20.22 8.33 -2.46
N1 5GP D . 21.95 8.20 -3.90
C2 5GP D . 23.13 7.66 -4.25
N2 5GP D . 23.75 8.07 -5.38
N3 5GP D . 23.72 6.72 -3.48
C4 5GP D . 23.12 6.31 -2.35
H5'1 5GP D . 23.94 1.30 -2.07
H5'2 5GP D . 24.53 1.31 -3.73
H4' 5GP D . 26.41 2.71 -3.13
H3' 5GP D . 26.11 1.85 -0.46
HO3' 5GP D . 27.69 3.61 -0.14
H2' 5GP D . 24.20 3.21 -0.06
HO2' 5GP D . 24.92 5.17 1.00
H1' 5GP D . 25.57 5.36 -1.73
H8 5GP D . 22.55 4.71 0.38
HN1 5GP D . 21.52 8.92 -4.50
HN21 5GP D . 23.33 8.77 -5.96
HN22 5GP D . 24.64 7.66 -5.64
PG ATP E . 5.55 18.04 -6.90
O1G ATP E . 4.99 19.02 -5.89
O2G ATP E . 4.77 17.93 -8.19
O3G ATP E . 5.99 16.71 -6.32
PB ATP E . 8.06 17.92 -8.08
O1B ATP E . 7.57 17.63 -9.49
O2B ATP E . 8.56 16.82 -7.17
O3B ATP E . 6.91 18.76 -7.35
PA ATP E . 9.61 19.76 -9.55
O1A ATP E . 8.45 20.61 -9.99
O2A ATP E . 10.20 18.75 -10.51
O3A ATP E . 9.21 19.05 -8.15
O5' ATP E . 10.80 20.69 -9.02
C5' ATP E . 10.66 21.39 -7.80
C4' ATP E . 11.28 22.75 -8.03
O4' ATP E . 11.09 23.06 -9.42
C3' ATP E . 10.62 23.86 -7.23
O3' ATP E . 11.64 24.74 -6.76
C2' ATP E . 9.70 24.52 -8.23
O2' ATP E . 9.47 25.90 -7.98
C1' ATP E . 10.46 24.33 -9.53
N9 ATP E . 9.56 24.42 -10.70
C8 ATP E . 8.38 23.80 -10.86
N7 ATP E . 7.83 24.12 -12.05
C5 ATP E . 8.66 24.98 -12.67
C6 ATP E . 8.69 25.70 -13.95
N6 ATP E . 7.64 25.55 -14.79
N1 ATP E . 9.74 26.50 -14.22
C2 ATP E . 10.77 26.64 -13.35
N3 ATP E . 10.81 26.01 -12.16
C4 ATP E . 9.81 25.18 -11.77
H5'1 ATP E . 11.18 20.87 -6.99
H5'2 ATP E . 9.60 21.50 -7.53
H4' ATP E . 12.35 22.71 -7.79
H3' ATP E . 10.04 23.43 -6.40
HO3' ATP E . 11.23 25.46 -6.25
H2' ATP E . 8.75 23.97 -8.27
HO2' ATP E . 9.05 26.02 -7.12
H1' ATP E . 11.22 25.12 -9.60
H8 ATP E . 7.93 23.12 -10.13
HN61 ATP E . 6.87 24.94 -14.55
HN62 ATP E . 7.63 26.03 -15.68
H2 ATP E . 11.60 27.30 -13.62
P 5GP F . -11.13 22.07 -6.88
O1P 5GP F . -10.85 22.94 -5.68
O2P 5GP F . -11.78 20.74 -6.55
O3P 5GP F . -11.75 22.79 -8.05
O5' 5GP F . -9.68 21.65 -7.41
C5' 5GP F . -9.51 20.94 -8.63
C4' 5GP F . -8.98 21.83 -9.72
O4' 5GP F . -7.55 21.63 -9.85
C3' 5GP F . -9.57 21.58 -11.12
O3' 5GP F . -9.73 22.81 -11.81
C2' 5GP F . -8.49 20.73 -11.80
O2' 5GP F . -8.48 20.78 -13.21
C1' 5GP F . -7.22 21.34 -11.20
N9 5GP F . -6.03 20.49 -11.24
C8 5GP F . -5.97 19.17 -11.48
N7 5GP F . -4.66 18.77 -11.42
C5 5GP F . -3.91 19.84 -11.15
C6 5GP F . -2.55 20.04 -10.96
O6 5GP F . -1.73 19.10 -11.06
N1 5GP F . -2.10 21.28 -10.68
C2 5GP F . -2.94 22.31 -10.57
N2 5GP F . -2.45 23.54 -10.29
N3 5GP F . -4.27 22.15 -10.74
C4 5GP F . -4.78 20.92 -11.03
H5'1 5GP F . -10.48 20.52 -8.94
H5'2 5GP F . -8.82 20.11 -8.47
H4' 5GP F . -9.18 22.87 -9.46
H3' 5GP F . -10.51 21.01 -11.04
HO3' 5GP F . -10.02 22.64 -12.71
H2' 5GP F . -8.58 19.69 -11.45
HO2' 5GP F . -7.72 20.29 -13.55
H1' 5GP F . -7.01 22.29 -11.72
H8 5GP F . -6.81 18.52 -11.69
HN1 5GP F . -1.08 21.44 -10.54
HN21 5GP F . -1.46 23.67 -10.16
HN22 5GP F . -3.09 24.33 -10.21
#